data_6SSG
#
_entry.id   6SSG
#
_cell.length_a   58.060
_cell.length_b   127.080
_cell.length_c   141.240
_cell.angle_alpha   90.000
_cell.angle_beta   90.000
_cell.angle_gamma   90.000
#
_symmetry.space_group_name_H-M   'P 21 21 21'
#
loop_
_entity.id
_entity.type
_entity.pdbx_description
1 polymer ForI-DCS
2 non-polymer '[4-[(~{Z})-[(2~{R},5~{R})-5-(azanyloxymethyl)-3,6-bis(oxidanylidene)piperazin-2-yl]methoxyiminomethyl]-6-methyl-5-oxidanyl-pyridin-3-yl]methyl dihydrogen phosphate'
3 non-polymer 'SULFATE ION'
4 water water
#
_entity_poly.entity_id   1
_entity_poly.type   'polypeptide(L)'
_entity_poly.pdbx_seq_one_letter_code
;AMITEKSAALYARAVEVMPGGNSRTAVYSSPYPVYVRSGSGARVTDVDGVERIDFLNNSTTLIHGHAHPEMVEAIAAAVG
HGTSFGMPTPVEVEYAEALSARNETFEHVRFTSSGTEAVMMAVQAARAYTERPKIAKIAGAYHGAYDAVAVNNDGSGNLI
SHAVTGNPEGVVANTVVIPFNDPEGSLEVLRRHADDLACVLIDPVPWRIGLLPASKEWLDALREFCDASGAVLISDEVGS
YRVGYHGAMQLLGAEADITVMGKVIAAGMPIGAVAGRRRFMSVFDPSKGKPALPHSGSYNANPVSMSSGIASLRLLTPQA
HERIGQLGEQARGSMRTALGEAGLDWEVNGLGSLFRVVANSAPAGYDSAAAAMKALYWKLLENGIHIGDSGLGCISTPMG
EEEIAEYAVAFAKSLGQVLAEGRA
;
_entity_poly.pdbx_strand_id   A,B
#
# COMPACT_ATOMS: atom_id res chain seq x y z
N ALA A 1 -13.12 18.72 31.96
CA ALA A 1 -12.97 19.88 31.03
C ALA A 1 -13.22 19.43 29.59
N MET A 2 -12.66 18.29 29.18
CA MET A 2 -12.53 17.86 27.76
C MET A 2 -13.87 17.29 27.25
N ILE A 3 -14.38 17.85 26.16
CA ILE A 3 -15.67 17.44 25.50
C ILE A 3 -15.34 16.60 24.27
N THR A 4 -15.86 15.37 24.21
CA THR A 4 -15.61 14.42 23.09
C THR A 4 -16.92 13.82 22.59
N GLU A 5 -18.06 14.51 22.74
CA GLU A 5 -19.39 13.94 22.39
C GLU A 5 -19.45 13.64 20.88
N LYS A 6 -18.90 14.50 20.02
CA LYS A 6 -18.96 14.25 18.55
C LYS A 6 -18.03 13.08 18.19
N SER A 7 -16.90 12.91 18.89
CA SER A 7 -16.02 11.72 18.71
C SER A 7 -16.79 10.47 19.15
N ALA A 8 -17.49 10.52 20.28
CA ALA A 8 -18.29 9.38 20.79
C ALA A 8 -19.36 9.00 19.77
N ALA A 9 -20.02 9.98 19.14
CA ALA A 9 -21.11 9.76 18.16
C ALA A 9 -20.53 9.13 16.89
N LEU A 10 -19.37 9.59 16.44
CA LEU A 10 -18.68 8.97 15.27
C LEU A 10 -18.30 7.54 15.61
N TYR A 11 -17.83 7.28 16.83
CA TYR A 11 -17.44 5.91 17.24
C TYR A 11 -18.67 5.00 17.24
N ALA A 12 -19.82 5.50 17.72
CA ALA A 12 -21.09 4.73 17.77
C ALA A 12 -21.49 4.32 16.35
N ARG A 13 -21.26 5.19 15.36
CA ARG A 13 -21.49 4.85 13.93
C ARG A 13 -20.44 3.84 13.48
N ALA A 14 -19.17 4.07 13.82
CA ALA A 14 -18.02 3.28 13.32
C ALA A 14 -18.16 1.81 13.73
N VAL A 15 -18.59 1.52 14.96
CA VAL A 15 -18.65 0.12 15.48
C VAL A 15 -19.66 -0.70 14.68
N GLU A 16 -20.60 -0.05 13.96
CA GLU A 16 -21.62 -0.76 13.13
C GLU A 16 -21.02 -1.21 11.78
N VAL A 17 -19.91 -0.59 11.33
CA VAL A 17 -19.40 -0.80 9.95
C VAL A 17 -17.91 -1.15 9.93
N MET A 18 -17.23 -1.17 11.07
CA MET A 18 -15.80 -1.55 11.20
C MET A 18 -15.63 -2.43 12.44
N PRO A 19 -14.63 -3.32 12.46
CA PRO A 19 -14.38 -4.16 13.63
C PRO A 19 -13.92 -3.31 14.82
N GLY A 20 -14.74 -3.27 15.87
CA GLY A 20 -14.52 -2.37 17.03
C GLY A 20 -14.41 -0.92 16.61
N GLY A 21 -15.04 -0.55 15.49
CA GLY A 21 -15.05 0.84 14.98
C GLY A 21 -13.69 1.31 14.53
N ASN A 22 -12.82 0.39 14.08
CA ASN A 22 -11.39 0.65 13.85
C ASN A 22 -10.98 0.18 12.45
N SER A 23 -10.11 0.95 11.79
CA SER A 23 -9.53 0.61 10.47
C SER A 23 -7.99 0.66 10.51
N ARG A 24 -7.41 0.91 11.68
CA ARG A 24 -5.95 1.13 11.82
C ARG A 24 -5.62 1.01 13.30
N THR A 25 -5.02 -0.11 13.70
CA THR A 25 -4.91 -0.49 15.13
C THR A 25 -4.22 0.64 15.91
N ALA A 26 -3.16 1.21 15.33
CA ALA A 26 -2.26 2.19 15.97
C ALA A 26 -3.03 3.45 16.44
N VAL A 27 -4.15 3.81 15.81
CA VAL A 27 -4.85 5.09 16.15
C VAL A 27 -6.02 4.81 17.10
N TYR A 28 -6.30 3.55 17.44
CA TYR A 28 -7.38 3.22 18.41
C TYR A 28 -6.91 3.60 19.83
N SER A 29 -7.85 4.12 20.63
CA SER A 29 -7.73 4.32 22.10
C SER A 29 -9.04 3.88 22.75
N SER A 30 -8.98 3.33 23.96
CA SER A 30 -10.17 2.92 24.76
C SER A 30 -10.67 4.13 25.56
N PRO A 31 -12.00 4.36 25.67
CA PRO A 31 -13.02 3.54 25.02
C PRO A 31 -13.20 3.89 23.53
N TYR A 32 -12.79 5.09 23.12
CA TYR A 32 -12.75 5.51 21.70
C TYR A 32 -11.67 6.57 21.55
N PRO A 33 -11.06 6.69 20.34
CA PRO A 33 -10.11 7.75 20.07
C PRO A 33 -10.81 9.08 19.76
N VAL A 34 -10.06 10.17 19.91
CA VAL A 34 -10.49 11.51 19.42
C VAL A 34 -10.46 11.48 17.88
N TYR A 35 -11.60 11.83 17.27
CA TYR A 35 -11.73 12.02 15.80
C TYR A 35 -11.37 13.45 15.45
N VAL A 36 -10.71 13.66 14.31
CA VAL A 36 -10.26 15.01 13.87
C VAL A 36 -10.86 15.32 12.51
N ARG A 37 -11.03 16.61 12.19
N ARG A 37 -11.01 16.61 12.21
CA ARG A 37 -11.69 17.02 10.92
CA ARG A 37 -11.75 17.13 11.04
C ARG A 37 -10.68 17.78 10.04
C ARG A 37 -10.77 17.82 10.08
N SER A 38 -9.71 18.48 10.62
N SER A 38 -9.74 18.49 10.61
CA SER A 38 -8.83 19.38 9.83
CA SER A 38 -8.81 19.31 9.80
C SER A 38 -7.50 19.61 10.56
C SER A 38 -7.50 19.60 10.55
N GLY A 39 -6.46 19.91 9.78
CA GLY A 39 -5.16 20.35 10.29
C GLY A 39 -4.69 21.55 9.49
N SER A 40 -4.02 22.47 10.16
CA SER A 40 -3.41 23.66 9.52
C SER A 40 -2.09 23.94 10.23
N GLY A 41 -0.98 23.91 9.49
CA GLY A 41 0.36 24.08 10.07
C GLY A 41 0.63 23.02 11.13
N ALA A 42 0.90 23.42 12.36
CA ALA A 42 1.27 22.50 13.46
C ALA A 42 0.04 22.09 14.27
N ARG A 43 -1.17 22.50 13.86
CA ARG A 43 -2.37 22.38 14.71
C ARG A 43 -3.44 21.53 14.02
N VAL A 44 -4.15 20.75 14.83
CA VAL A 44 -5.23 19.84 14.41
C VAL A 44 -6.49 20.20 15.19
N THR A 45 -7.61 20.31 14.49
CA THR A 45 -8.94 20.63 15.07
C THR A 45 -9.75 19.34 15.11
N ASP A 46 -10.22 18.95 16.28
CA ASP A 46 -10.99 17.69 16.45
C ASP A 46 -12.44 17.97 16.05
N VAL A 47 -13.26 16.92 16.01
CA VAL A 47 -14.67 17.01 15.52
C VAL A 47 -15.52 17.80 16.52
N ASP A 48 -15.05 18.00 17.75
CA ASP A 48 -15.71 18.81 18.79
C ASP A 48 -15.22 20.27 18.72
N GLY A 49 -14.43 20.61 17.70
CA GLY A 49 -13.98 21.99 17.42
C GLY A 49 -12.80 22.43 18.27
N VAL A 50 -12.10 21.49 18.92
CA VAL A 50 -10.95 21.80 19.82
C VAL A 50 -9.64 21.73 19.02
N GLU A 51 -8.91 22.84 18.96
CA GLU A 51 -7.60 22.93 18.26
C GLU A 51 -6.48 22.57 19.25
N ARG A 52 -5.57 21.70 18.83
CA ARG A 52 -4.42 21.23 19.63
C ARG A 52 -3.16 21.32 18.77
N ILE A 53 -1.99 21.42 19.39
CA ILE A 53 -0.70 21.32 18.67
C ILE A 53 -0.39 19.83 18.49
N ASP A 54 -0.11 19.44 17.25
CA ASP A 54 0.19 18.03 16.90
C ASP A 54 1.68 17.79 17.02
N PHE A 55 2.09 17.00 18.03
CA PHE A 55 3.49 16.58 18.24
C PHE A 55 3.68 15.12 17.89
N LEU A 56 2.82 14.54 17.05
CA LEU A 56 3.15 13.19 16.47
C LEU A 56 2.96 13.17 14.95
N ASN A 57 2.04 13.94 14.36
CA ASN A 57 2.12 14.29 12.91
C ASN A 57 1.97 13.03 12.06
N ASN A 58 0.84 12.35 12.24
CA ASN A 58 0.53 11.05 11.58
C ASN A 58 1.74 10.12 11.69
N SER A 59 2.10 9.77 12.93
N SER A 59 2.10 9.77 12.93
CA SER A 59 3.18 8.80 13.22
CA SER A 59 3.19 8.82 13.24
C SER A 59 4.48 9.23 12.53
C SER A 59 4.48 9.23 12.53
N THR A 60 4.81 10.52 12.59
CA THR A 60 6.08 11.12 12.07
C THR A 60 6.06 11.26 10.54
N THR A 61 4.92 11.08 9.88
CA THR A 61 4.80 11.31 8.42
C THR A 61 4.91 12.80 8.09
N LEU A 62 4.21 13.66 8.82
CA LEU A 62 3.95 15.06 8.37
C LEU A 62 5.09 15.97 8.80
N ILE A 63 6.26 15.81 8.19
CA ILE A 63 7.45 16.62 8.55
C ILE A 63 7.16 18.12 8.29
N HIS A 64 6.30 18.43 7.32
CA HIS A 64 5.93 19.84 6.97
C HIS A 64 4.58 20.21 7.60
N GLY A 65 4.13 19.43 8.58
CA GLY A 65 2.84 19.65 9.24
C GLY A 65 1.68 19.46 8.30
N HIS A 66 0.57 20.09 8.64
CA HIS A 66 -0.76 19.84 8.03
C HIS A 66 -1.02 20.85 6.91
N ALA A 67 -1.44 20.35 5.75
CA ALA A 67 -1.91 21.17 4.63
C ALA A 67 -0.93 22.33 4.40
N HIS A 68 0.37 22.02 4.31
CA HIS A 68 1.40 23.03 3.96
C HIS A 68 0.99 23.63 2.62
N PRO A 69 0.84 24.96 2.50
CA PRO A 69 0.34 25.56 1.26
C PRO A 69 1.10 25.14 0.00
N GLU A 70 2.42 24.97 0.07
CA GLU A 70 3.23 24.57 -1.11
C GLU A 70 2.94 23.10 -1.47
N MET A 71 2.73 22.24 -0.45
N MET A 71 2.71 22.26 -0.46
CA MET A 71 2.32 20.82 -0.66
CA MET A 71 2.33 20.84 -0.70
C MET A 71 0.92 20.78 -1.28
C MET A 71 0.92 20.78 -1.28
N VAL A 72 -0.03 21.51 -0.69
CA VAL A 72 -1.44 21.54 -1.15
C VAL A 72 -1.47 21.99 -2.62
N GLU A 73 -0.74 23.04 -2.96
CA GLU A 73 -0.70 23.56 -4.36
C GLU A 73 -0.23 22.45 -5.30
N ALA A 74 0.89 21.80 -4.98
CA ALA A 74 1.52 20.76 -5.84
C ALA A 74 0.58 19.57 -5.98
N ILE A 75 -0.03 19.13 -4.89
CA ILE A 75 -0.91 17.93 -4.86
C ILE A 75 -2.21 18.24 -5.62
N ALA A 76 -2.87 19.37 -5.33
CA ALA A 76 -4.13 19.75 -6.01
C ALA A 76 -3.89 19.88 -7.52
N ALA A 77 -2.76 20.45 -7.95
CA ALA A 77 -2.44 20.60 -9.39
C ALA A 77 -2.32 19.22 -10.02
N ALA A 78 -1.62 18.28 -9.37
CA ALA A 78 -1.45 16.91 -9.88
C ALA A 78 -2.82 16.24 -9.99
N VAL A 79 -3.67 16.37 -8.97
CA VAL A 79 -5.03 15.76 -8.96
C VAL A 79 -5.81 16.25 -10.18
N GLY A 80 -5.69 17.54 -10.53
CA GLY A 80 -6.40 18.15 -11.65
C GLY A 80 -6.02 17.56 -13.01
N HIS A 81 -4.81 17.00 -13.12
CA HIS A 81 -4.27 16.39 -14.37
C HIS A 81 -4.58 14.89 -14.41
N GLY A 82 -5.04 14.29 -13.32
CA GLY A 82 -5.33 12.84 -13.26
C GLY A 82 -4.63 12.20 -12.09
N THR A 83 -5.36 11.44 -11.28
CA THR A 83 -4.86 10.89 -9.99
C THR A 83 -3.92 9.71 -10.23
N SER A 84 -4.23 8.85 -11.20
CA SER A 84 -3.37 7.68 -11.54
C SER A 84 -3.61 7.26 -13.00
N PHE A 85 -2.60 6.64 -13.58
CA PHE A 85 -2.56 6.25 -15.02
C PHE A 85 -1.98 4.85 -15.14
N GLY A 86 -2.36 4.14 -16.21
CA GLY A 86 -1.73 2.86 -16.60
C GLY A 86 -0.48 3.06 -17.45
N MET A 87 0.14 4.23 -17.33
CA MET A 87 1.35 4.63 -18.08
C MET A 87 2.22 5.45 -17.14
N PRO A 88 3.56 5.41 -17.27
CA PRO A 88 4.42 6.25 -16.45
C PRO A 88 4.26 7.73 -16.84
N THR A 89 4.67 8.62 -15.94
CA THR A 89 4.51 10.09 -16.06
C THR A 89 5.86 10.77 -15.86
N PRO A 90 6.01 12.01 -16.36
CA PRO A 90 7.21 12.79 -16.08
C PRO A 90 7.56 12.90 -14.58
N VAL A 91 6.57 13.07 -13.71
N VAL A 91 6.57 13.07 -13.72
CA VAL A 91 6.83 13.36 -12.26
CA VAL A 91 6.76 13.34 -12.27
C VAL A 91 7.46 12.12 -11.60
C VAL A 91 7.44 12.13 -11.60
N GLU A 92 7.19 10.90 -12.08
CA GLU A 92 7.86 9.71 -11.47
C GLU A 92 9.37 9.80 -11.72
N VAL A 93 9.77 10.29 -12.91
CA VAL A 93 11.22 10.41 -13.26
C VAL A 93 11.82 11.54 -12.42
N GLU A 94 11.14 12.69 -12.35
N GLU A 94 11.15 12.69 -12.35
CA GLU A 94 11.60 13.87 -11.57
CA GLU A 94 11.59 13.87 -11.57
C GLU A 94 11.77 13.48 -10.09
C GLU A 94 11.77 13.48 -10.09
N TYR A 95 10.80 12.74 -9.54
CA TYR A 95 10.85 12.37 -8.11
C TYR A 95 11.95 11.33 -7.87
N ALA A 96 12.12 10.34 -8.76
CA ALA A 96 13.21 9.36 -8.64
C ALA A 96 14.56 10.09 -8.67
N GLU A 97 14.71 11.09 -9.52
CA GLU A 97 15.97 11.90 -9.58
C GLU A 97 16.16 12.62 -8.24
N ALA A 98 15.11 13.24 -7.70
CA ALA A 98 15.16 14.00 -6.43
C ALA A 98 15.54 13.06 -5.27
N LEU A 99 14.91 11.88 -5.18
CA LEU A 99 15.16 10.94 -4.06
C LEU A 99 16.54 10.32 -4.21
N SER A 100 16.93 9.91 -5.42
CA SER A 100 18.26 9.31 -5.69
C SER A 100 19.38 10.25 -5.22
N ALA A 101 19.17 11.57 -5.37
CA ALA A 101 20.18 12.61 -5.04
C ALA A 101 20.44 12.68 -3.53
N ARG A 102 19.56 12.12 -2.69
CA ARG A 102 19.64 12.30 -1.21
C ARG A 102 20.75 11.43 -0.61
N ASN A 103 21.20 10.37 -1.28
CA ASN A 103 22.20 9.43 -0.70
C ASN A 103 22.92 8.70 -1.83
N GLU A 104 24.24 8.55 -1.70
CA GLU A 104 25.13 7.82 -2.63
C GLU A 104 24.55 6.44 -2.95
N THR A 105 23.96 5.75 -1.98
CA THR A 105 23.55 4.33 -2.13
C THR A 105 22.22 4.23 -2.86
N PHE A 106 21.48 5.34 -3.05
CA PHE A 106 20.11 5.31 -3.65
C PHE A 106 20.22 5.35 -5.18
N GLU A 107 21.01 4.44 -5.77
CA GLU A 107 21.36 4.49 -7.22
C GLU A 107 20.11 4.27 -8.06
N HIS A 108 19.32 3.25 -7.72
CA HIS A 108 18.03 2.92 -8.36
C HIS A 108 16.93 2.87 -7.31
N VAL A 109 15.77 3.40 -7.64
CA VAL A 109 14.60 3.49 -6.72
C VAL A 109 13.40 2.83 -7.40
N ARG A 110 12.51 2.27 -6.59
CA ARG A 110 11.14 1.87 -7.03
C ARG A 110 10.16 2.33 -5.98
N PHE A 111 8.99 2.77 -6.43
CA PHE A 111 7.93 3.32 -5.58
C PHE A 111 6.85 2.28 -5.34
N THR A 112 6.32 2.30 -4.12
CA THR A 112 5.17 1.50 -3.64
C THR A 112 4.12 2.48 -3.08
N SER A 113 3.00 1.97 -2.59
CA SER A 113 1.93 2.82 -2.00
C SER A 113 2.04 2.88 -0.47
N SER A 114 3.02 2.20 0.12
CA SER A 114 3.21 2.20 1.60
C SER A 114 4.61 1.72 1.97
N GLY A 115 5.06 2.08 3.17
CA GLY A 115 6.26 1.49 3.77
C GLY A 115 6.11 -0.01 3.94
N THR A 116 4.90 -0.48 4.26
CA THR A 116 4.58 -1.93 4.44
C THR A 116 4.92 -2.67 3.14
N GLU A 117 4.42 -2.18 2.02
CA GLU A 117 4.73 -2.78 0.69
C GLU A 117 6.23 -2.67 0.40
N ALA A 118 6.84 -1.53 0.70
CA ALA A 118 8.27 -1.29 0.38
C ALA A 118 9.16 -2.28 1.16
N VAL A 119 8.89 -2.50 2.44
N VAL A 119 8.89 -2.51 2.44
CA VAL A 119 9.65 -3.49 3.26
CA VAL A 119 9.67 -3.49 3.24
C VAL A 119 9.48 -4.87 2.62
C VAL A 119 9.48 -4.87 2.62
N MET A 120 8.24 -5.23 2.27
CA MET A 120 7.94 -6.54 1.67
C MET A 120 8.76 -6.69 0.37
N MET A 121 8.76 -5.67 -0.48
CA MET A 121 9.45 -5.79 -1.78
C MET A 121 10.97 -5.78 -1.59
N ALA A 122 11.51 -5.11 -0.58
CA ALA A 122 12.95 -5.14 -0.26
C ALA A 122 13.35 -6.56 0.17
N VAL A 123 12.56 -7.19 1.02
CA VAL A 123 12.81 -8.60 1.47
C VAL A 123 12.72 -9.52 0.25
N GLN A 124 11.69 -9.35 -0.57
CA GLN A 124 11.53 -10.20 -1.78
C GLN A 124 12.73 -9.98 -2.71
N ALA A 125 13.22 -8.74 -2.82
CA ALA A 125 14.37 -8.40 -3.69
C ALA A 125 15.62 -9.14 -3.18
N ALA A 126 15.87 -9.12 -1.86
CA ALA A 126 17.05 -9.81 -1.29
C ALA A 126 16.93 -11.32 -1.53
N ARG A 127 15.75 -11.89 -1.33
CA ARG A 127 15.50 -13.35 -1.56
C ARG A 127 15.70 -13.67 -3.04
N ALA A 128 15.23 -12.84 -3.97
CA ALA A 128 15.39 -13.08 -5.42
C ALA A 128 16.88 -12.97 -5.81
N TYR A 129 17.58 -11.99 -5.24
CA TYR A 129 18.99 -11.68 -5.58
C TYR A 129 19.90 -12.83 -5.10
N THR A 130 19.68 -13.31 -3.86
CA THR A 130 20.56 -14.32 -3.21
C THR A 130 20.05 -15.74 -3.44
N GLU A 131 18.75 -15.91 -3.72
CA GLU A 131 18.06 -17.23 -3.78
C GLU A 131 18.27 -17.97 -2.46
N ARG A 132 18.27 -17.23 -1.34
CA ARG A 132 18.36 -17.78 0.02
C ARG A 132 17.06 -17.45 0.77
N PRO A 133 16.60 -18.35 1.68
CA PRO A 133 15.30 -18.18 2.32
C PRO A 133 15.22 -17.28 3.55
N LYS A 134 16.26 -17.23 4.39
CA LYS A 134 16.13 -16.64 5.75
C LYS A 134 16.37 -15.13 5.71
N ILE A 135 15.68 -14.42 6.61
CA ILE A 135 15.97 -13.00 6.90
C ILE A 135 16.29 -12.91 8.40
N ALA A 136 17.16 -11.98 8.75
CA ALA A 136 17.44 -11.60 10.15
C ALA A 136 16.83 -10.22 10.39
N LYS A 137 16.19 -10.03 11.53
CA LYS A 137 15.66 -8.72 11.93
C LYS A 137 15.97 -8.50 13.42
N ILE A 138 15.77 -7.27 13.88
CA ILE A 138 16.03 -6.88 15.29
C ILE A 138 14.91 -7.42 16.17
N ALA A 139 15.25 -7.98 17.32
CA ALA A 139 14.28 -8.35 18.38
C ALA A 139 13.54 -7.08 18.84
N GLY A 140 12.22 -7.05 18.63
CA GLY A 140 11.33 -6.00 19.13
C GLY A 140 10.98 -4.96 18.08
N ALA A 141 11.74 -4.85 16.99
CA ALA A 141 11.57 -3.77 15.99
C ALA A 141 10.34 -4.05 15.11
N TYR A 142 9.58 -3.00 14.81
CA TYR A 142 8.35 -3.06 13.96
C TYR A 142 8.67 -2.62 12.53
N HIS A 143 8.16 -3.36 11.54
CA HIS A 143 8.39 -3.09 10.10
C HIS A 143 7.09 -3.23 9.30
N GLY A 144 5.93 -3.17 9.95
CA GLY A 144 4.62 -3.29 9.27
C GLY A 144 4.10 -4.71 9.31
N ALA A 145 2.98 -4.94 8.62
CA ALA A 145 2.15 -6.16 8.78
C ALA A 145 2.64 -7.32 7.91
N TYR A 146 3.55 -7.11 6.96
CA TYR A 146 4.02 -8.21 6.08
C TYR A 146 4.49 -9.39 6.96
N ASP A 147 4.00 -10.59 6.66
N ASP A 147 3.98 -10.59 6.64
CA ASP A 147 4.09 -11.71 7.64
CA ASP A 147 4.10 -11.83 7.45
C ASP A 147 5.56 -12.07 7.94
C ASP A 147 5.55 -12.06 7.91
N ALA A 148 6.50 -11.94 6.99
CA ALA A 148 7.92 -12.31 7.25
C ALA A 148 8.55 -11.36 8.28
N VAL A 149 8.03 -10.13 8.41
CA VAL A 149 8.62 -9.11 9.32
C VAL A 149 7.70 -8.86 10.52
N ALA A 150 6.51 -9.45 10.57
CA ALA A 150 5.54 -9.30 11.69
C ALA A 150 5.86 -10.36 12.75
N VAL A 151 7.14 -10.46 13.10
CA VAL A 151 7.76 -11.47 14.00
C VAL A 151 8.59 -10.68 15.00
N ASN A 152 8.39 -10.90 16.30
CA ASN A 152 9.19 -10.23 17.36
C ASN A 152 9.19 -8.72 17.09
N ASN A 153 8.00 -8.13 16.95
CA ASN A 153 7.84 -6.75 16.42
C ASN A 153 7.09 -5.88 17.43
N ASP A 154 7.18 -6.25 18.72
CA ASP A 154 6.29 -5.82 19.82
C ASP A 154 7.11 -5.13 20.94
N GLY A 155 8.37 -4.77 20.68
CA GLY A 155 9.23 -4.07 21.66
C GLY A 155 9.98 -5.01 22.60
N SER A 156 9.72 -6.33 22.55
CA SER A 156 10.42 -7.31 23.42
C SER A 156 11.87 -7.47 22.96
N GLY A 157 12.80 -7.63 23.90
CA GLY A 157 14.22 -7.93 23.61
C GLY A 157 14.50 -9.42 23.51
N ASN A 158 13.50 -10.28 23.77
CA ASN A 158 13.68 -11.75 23.73
C ASN A 158 13.88 -12.19 22.28
N LEU A 159 14.71 -13.21 22.08
CA LEU A 159 15.06 -13.74 20.73
C LEU A 159 14.11 -14.89 20.36
N ILE A 160 13.32 -15.40 21.29
CA ILE A 160 12.35 -16.52 21.05
C ILE A 160 11.35 -16.05 20.00
N SER A 161 11.11 -16.86 18.96
CA SER A 161 10.11 -16.57 17.90
C SER A 161 8.77 -16.25 18.55
N HIS A 162 8.20 -15.09 18.22
CA HIS A 162 6.85 -14.65 18.66
C HIS A 162 6.18 -13.95 17.49
N ALA A 163 5.10 -14.51 16.97
CA ALA A 163 4.44 -14.02 15.74
C ALA A 163 2.95 -13.78 16.01
N VAL A 164 2.28 -13.13 15.05
CA VAL A 164 0.81 -12.92 15.07
C VAL A 164 0.12 -14.28 14.99
N THR A 165 -1.02 -14.43 15.67
CA THR A 165 -1.89 -15.63 15.61
C THR A 165 -2.14 -15.95 14.14
N GLY A 166 -1.85 -17.19 13.73
CA GLY A 166 -2.14 -17.65 12.36
C GLY A 166 -0.93 -17.58 11.44
N ASN A 167 0.09 -16.78 11.77
CA ASN A 167 1.32 -16.71 10.92
C ASN A 167 1.97 -18.09 10.95
N PRO A 168 2.03 -18.82 9.81
CA PRO A 168 2.48 -20.21 9.83
C PRO A 168 3.97 -20.39 10.16
N GLU A 169 4.32 -21.57 10.70
CA GLU A 169 5.72 -21.99 10.94
C GLU A 169 6.54 -21.81 9.65
N GLY A 170 5.95 -22.06 8.48
CA GLY A 170 6.62 -21.92 7.18
C GLY A 170 7.20 -20.52 6.98
N VAL A 171 6.50 -19.50 7.48
CA VAL A 171 6.98 -18.09 7.46
C VAL A 171 7.93 -17.89 8.64
N VAL A 172 7.46 -18.18 9.85
CA VAL A 172 8.15 -17.75 11.11
C VAL A 172 9.53 -18.39 11.17
N ALA A 173 9.71 -19.63 10.73
CA ALA A 173 10.98 -20.38 10.83
C ALA A 173 12.07 -19.72 9.96
N ASN A 174 11.69 -18.92 8.97
CA ASN A 174 12.65 -18.28 8.02
C ASN A 174 13.00 -16.85 8.47
N THR A 175 12.44 -16.38 9.59
CA THR A 175 12.82 -15.07 10.18
C THR A 175 13.56 -15.32 11.50
N VAL A 176 14.84 -14.97 11.55
CA VAL A 176 15.66 -15.11 12.77
C VAL A 176 15.85 -13.72 13.37
N VAL A 177 16.04 -13.64 14.69
N VAL A 177 16.14 -13.67 14.67
CA VAL A 177 16.08 -12.33 15.39
CA VAL A 177 16.06 -12.45 15.51
C VAL A 177 17.42 -12.16 16.11
C VAL A 177 17.43 -12.18 16.13
N ILE A 178 17.93 -10.93 16.05
CA ILE A 178 19.23 -10.53 16.65
C ILE A 178 18.98 -9.43 17.68
N PRO A 179 19.82 -9.39 18.73
CA PRO A 179 19.73 -8.37 19.77
C PRO A 179 20.33 -7.02 19.33
N PHE A 180 19.54 -5.96 19.40
CA PHE A 180 19.93 -4.61 18.98
C PHE A 180 21.18 -4.18 19.75
N ASN A 181 22.19 -3.71 19.03
CA ASN A 181 23.41 -3.05 19.59
C ASN A 181 24.25 -4.05 20.40
N ASP A 182 24.08 -5.34 20.16
CA ASP A 182 24.92 -6.42 20.74
C ASP A 182 25.67 -7.09 19.60
N PRO A 183 26.90 -6.62 19.26
CA PRO A 183 27.63 -7.16 18.11
C PRO A 183 27.90 -8.67 18.22
N GLU A 184 28.43 -9.10 19.36
CA GLU A 184 28.81 -10.52 19.61
C GLU A 184 27.55 -11.39 19.55
N GLY A 185 26.48 -10.98 20.26
CA GLY A 185 25.20 -11.71 20.30
C GLY A 185 24.53 -11.77 18.93
N SER A 186 24.65 -10.71 18.15
CA SER A 186 24.11 -10.64 16.77
C SER A 186 24.91 -11.58 15.86
N LEU A 187 26.24 -11.52 15.91
CA LEU A 187 27.12 -12.34 15.02
C LEU A 187 26.92 -13.84 15.32
N GLU A 188 26.67 -14.21 16.59
CA GLU A 188 26.39 -15.62 16.97
C GLU A 188 25.22 -16.15 16.15
N VAL A 189 24.12 -15.39 16.10
CA VAL A 189 22.88 -15.76 15.36
C VAL A 189 23.17 -15.76 13.86
N LEU A 190 23.77 -14.69 13.35
CA LEU A 190 24.01 -14.48 11.89
C LEU A 190 24.94 -15.58 11.37
N ARG A 191 26.01 -15.92 12.10
CA ARG A 191 26.98 -16.96 11.67
C ARG A 191 26.30 -18.33 11.61
N ARG A 192 25.35 -18.59 12.52
CA ARG A 192 24.57 -19.86 12.56
C ARG A 192 23.79 -20.05 11.25
N HIS A 193 23.31 -18.96 10.65
CA HIS A 193 22.36 -18.99 9.51
C HIS A 193 23.02 -18.45 8.23
N ALA A 194 24.35 -18.24 8.22
CA ALA A 194 25.06 -17.46 7.19
C ALA A 194 24.78 -18.00 5.78
N ASP A 195 24.79 -19.33 5.62
CA ASP A 195 24.64 -19.99 4.28
C ASP A 195 23.23 -19.74 3.72
N ASP A 196 22.26 -19.46 4.60
CA ASP A 196 20.81 -19.41 4.24
C ASP A 196 20.24 -18.00 4.38
N LEU A 197 21.05 -16.98 4.67
CA LEU A 197 20.54 -15.61 4.96
C LEU A 197 20.52 -14.77 3.67
N ALA A 198 19.32 -14.40 3.23
CA ALA A 198 19.09 -13.48 2.11
C ALA A 198 19.46 -12.06 2.52
N CYS A 199 19.13 -11.68 3.75
CA CYS A 199 19.27 -10.28 4.18
C CYS A 199 19.31 -10.15 5.70
N VAL A 200 19.93 -9.07 6.14
CA VAL A 200 19.85 -8.55 7.53
C VAL A 200 19.03 -7.26 7.42
N LEU A 201 17.84 -7.28 7.99
CA LEU A 201 16.88 -6.14 7.96
C LEU A 201 17.01 -5.41 9.29
N ILE A 202 17.47 -4.17 9.25
CA ILE A 202 17.59 -3.32 10.47
C ILE A 202 16.77 -2.06 10.29
N ASP A 203 16.46 -1.42 11.40
CA ASP A 203 16.08 0.01 11.48
C ASP A 203 17.21 0.64 12.28
N PRO A 204 17.93 1.65 11.77
CA PRO A 204 19.04 2.23 12.53
C PRO A 204 18.61 2.99 13.80
N VAL A 205 17.33 3.38 13.91
CA VAL A 205 16.80 4.07 15.12
C VAL A 205 15.40 3.57 15.42
N PRO A 206 15.25 2.28 15.82
CA PRO A 206 13.92 1.69 15.96
C PRO A 206 13.19 2.25 17.19
N TRP A 207 12.00 2.81 16.99
CA TRP A 207 11.32 3.54 18.09
C TRP A 207 10.72 2.53 19.08
N ARG A 208 10.27 1.36 18.63
CA ARG A 208 9.49 0.42 19.49
C ARG A 208 10.37 -0.12 20.62
N ILE A 209 11.69 -0.13 20.46
CA ILE A 209 12.63 -0.62 21.53
C ILE A 209 13.39 0.56 22.15
N GLY A 210 12.92 1.80 21.94
CA GLY A 210 13.32 2.95 22.76
C GLY A 210 13.85 4.15 21.99
N LEU A 211 13.92 4.09 20.66
CA LEU A 211 14.40 5.21 19.81
C LEU A 211 15.84 5.58 20.20
N LEU A 212 16.66 4.57 20.45
CA LEU A 212 18.13 4.70 20.58
C LEU A 212 18.77 4.33 19.24
N PRO A 213 19.81 5.06 18.81
CA PRO A 213 20.48 4.77 17.55
C PRO A 213 21.36 3.52 17.64
N ALA A 214 21.48 2.81 16.51
CA ALA A 214 22.46 1.74 16.29
C ALA A 214 23.86 2.30 16.55
N SER A 215 24.71 1.55 17.26
CA SER A 215 26.12 1.91 17.55
C SER A 215 26.97 1.67 16.31
N LYS A 216 28.08 2.41 16.19
CA LYS A 216 29.12 2.20 15.15
C LYS A 216 29.57 0.73 15.19
N GLU A 217 29.86 0.17 16.37
CA GLU A 217 30.43 -1.20 16.48
C GLU A 217 29.40 -2.22 15.97
N TRP A 218 28.11 -2.02 16.26
CA TRP A 218 27.04 -2.95 15.81
C TRP A 218 26.86 -2.83 14.29
N LEU A 219 26.76 -1.62 13.77
CA LEU A 219 26.62 -1.38 12.30
C LEU A 219 27.84 -1.96 11.57
N ASP A 220 29.04 -1.74 12.11
CA ASP A 220 30.30 -2.26 11.50
C ASP A 220 30.26 -3.79 11.45
N ALA A 221 29.84 -4.44 12.55
CA ALA A 221 29.73 -5.92 12.65
C ALA A 221 28.78 -6.43 11.57
N LEU A 222 27.60 -5.82 11.43
N LEU A 222 27.61 -5.82 11.42
CA LEU A 222 26.57 -6.24 10.45
CA LEU A 222 26.58 -6.25 10.45
C LEU A 222 27.09 -6.00 9.02
C LEU A 222 27.08 -6.00 9.02
N ARG A 223 27.70 -4.84 8.77
CA ARG A 223 28.25 -4.48 7.44
C ARG A 223 29.31 -5.51 7.02
N GLU A 224 30.25 -5.81 7.92
N GLU A 224 30.26 -5.81 7.92
CA GLU A 224 31.34 -6.80 7.67
CA GLU A 224 31.34 -6.80 7.66
C GLU A 224 30.72 -8.19 7.42
C GLU A 224 30.72 -8.18 7.41
N PHE A 225 29.73 -8.58 8.21
CA PHE A 225 29.06 -9.90 8.10
C PHE A 225 28.37 -10.02 6.73
N CYS A 226 27.64 -8.98 6.32
CA CYS A 226 26.92 -8.97 5.03
C CYS A 226 27.94 -9.03 3.88
N ASP A 227 29.04 -8.29 3.96
CA ASP A 227 30.12 -8.30 2.93
C ASP A 227 30.69 -9.73 2.80
N ALA A 228 30.94 -10.40 3.93
CA ALA A 228 31.59 -11.73 3.98
C ALA A 228 30.61 -12.83 3.55
N SER A 229 29.32 -12.71 3.91
CA SER A 229 28.29 -13.79 3.74
C SER A 229 27.52 -13.63 2.43
N GLY A 230 27.46 -12.41 1.87
CA GLY A 230 26.63 -12.10 0.69
C GLY A 230 25.19 -11.78 1.05
N ALA A 231 24.82 -11.81 2.34
CA ALA A 231 23.50 -11.34 2.80
C ALA A 231 23.38 -9.85 2.47
N VAL A 232 22.20 -9.42 2.03
CA VAL A 232 21.91 -8.00 1.67
C VAL A 232 21.63 -7.23 2.96
N LEU A 233 22.32 -6.12 3.18
CA LEU A 233 22.05 -5.24 4.34
C LEU A 233 20.92 -4.28 3.96
N ILE A 234 19.74 -4.46 4.56
CA ILE A 234 18.55 -3.62 4.29
C ILE A 234 18.33 -2.70 5.50
N SER A 235 18.37 -1.40 5.28
CA SER A 235 18.04 -0.38 6.31
C SER A 235 16.61 0.10 6.09
N ASP A 236 15.71 -0.28 6.99
CA ASP A 236 14.30 0.19 6.97
C ASP A 236 14.25 1.55 7.67
N GLU A 237 14.19 2.62 6.88
CA GLU A 237 14.21 4.02 7.36
C GLU A 237 12.84 4.66 7.12
N VAL A 238 11.78 3.86 7.03
CA VAL A 238 10.42 4.43 6.80
C VAL A 238 10.16 5.46 7.90
N GLY A 239 10.53 5.16 9.15
CA GLY A 239 10.39 6.09 10.29
C GLY A 239 11.65 6.91 10.56
N SER A 240 12.82 6.28 10.48
CA SER A 240 14.09 6.86 11.01
C SER A 240 14.82 7.69 9.94
N TYR A 241 14.42 7.66 8.67
CA TYR A 241 15.12 8.40 7.59
C TYR A 241 15.36 9.85 8.04
N ARG A 242 14.34 10.47 8.65
CA ARG A 242 14.31 11.93 8.89
C ARG A 242 15.39 12.38 9.90
N VAL A 243 16.05 11.47 10.62
CA VAL A 243 17.07 11.88 11.62
C VAL A 243 18.29 12.49 10.92
N GLY A 244 18.54 12.14 9.66
CA GLY A 244 19.70 12.64 8.91
C GLY A 244 19.27 13.25 7.59
N TYR A 245 20.00 14.25 7.10
CA TYR A 245 19.69 14.90 5.82
C TYR A 245 19.88 13.89 4.67
N HIS A 246 20.76 12.90 4.84
CA HIS A 246 20.99 11.80 3.86
C HIS A 246 20.46 10.48 4.41
N GLY A 247 19.55 10.53 5.39
CA GLY A 247 18.97 9.32 6.01
C GLY A 247 19.76 8.88 7.24
N ALA A 248 19.30 7.80 7.86
CA ALA A 248 19.76 7.36 9.19
C ALA A 248 21.13 6.68 9.10
N MET A 249 21.32 5.74 8.16
CA MET A 249 22.62 5.02 8.04
C MET A 249 23.74 6.04 7.84
N GLN A 250 23.57 7.01 6.93
CA GLN A 250 24.62 8.00 6.62
C GLN A 250 24.93 8.83 7.87
N LEU A 251 23.91 9.26 8.62
CA LEU A 251 24.13 10.04 9.87
C LEU A 251 25.03 9.23 10.83
N LEU A 252 24.82 7.91 10.92
CA LEU A 252 25.52 7.02 11.89
C LEU A 252 26.81 6.46 11.29
N GLY A 253 27.17 6.87 10.06
CA GLY A 253 28.47 6.57 9.43
C GLY A 253 28.48 5.25 8.69
N ALA A 254 27.33 4.75 8.27
CA ALA A 254 27.20 3.40 7.65
C ALA A 254 26.51 3.52 6.30
N GLU A 255 26.59 2.43 5.52
N GLU A 255 26.57 2.45 5.51
CA GLU A 255 26.02 2.27 4.16
CA GLU A 255 25.85 2.41 4.22
C GLU A 255 25.15 1.01 4.12
C GLU A 255 25.15 1.05 4.09
N ALA A 256 23.89 1.12 3.70
CA ALA A 256 23.01 -0.02 3.39
C ALA A 256 23.23 -0.43 1.94
N ASP A 257 22.86 -1.67 1.61
CA ASP A 257 22.77 -2.18 0.22
C ASP A 257 21.45 -1.70 -0.38
N ILE A 258 20.37 -1.80 0.40
CA ILE A 258 19.01 -1.33 0.06
C ILE A 258 18.49 -0.54 1.27
N THR A 259 17.82 0.57 1.00
CA THR A 259 17.13 1.39 2.02
C THR A 259 15.64 1.39 1.71
N VAL A 260 14.81 1.15 2.72
CA VAL A 260 13.34 1.28 2.62
C VAL A 260 12.98 2.65 3.17
N MET A 261 12.14 3.38 2.45
CA MET A 261 11.70 4.73 2.86
C MET A 261 10.20 4.86 2.69
N GLY A 262 9.66 5.87 3.36
CA GLY A 262 8.24 6.24 3.28
C GLY A 262 8.01 7.49 4.09
N LYS A 263 6.81 7.64 4.64
N LYS A 263 6.81 7.64 4.64
CA LYS A 263 6.43 8.74 5.56
CA LYS A 263 6.43 8.74 5.56
C LYS A 263 6.96 10.08 5.01
C LYS A 263 6.96 10.08 5.01
N VAL A 264 8.04 10.64 5.57
CA VAL A 264 8.43 12.05 5.28
C VAL A 264 8.82 12.24 3.81
N ILE A 265 9.17 11.19 3.07
CA ILE A 265 9.62 11.40 1.66
C ILE A 265 8.46 11.95 0.82
N ALA A 266 7.20 11.75 1.20
CA ALA A 266 6.05 12.44 0.56
C ALA A 266 5.27 13.29 1.57
N ALA A 267 5.50 13.11 2.87
CA ALA A 267 4.98 13.98 3.94
C ALA A 267 3.45 14.10 3.88
N GLY A 268 2.75 13.01 3.57
CA GLY A 268 1.30 12.91 3.83
C GLY A 268 0.54 12.04 2.85
N MET A 269 1.00 11.90 1.61
CA MET A 269 0.30 11.08 0.58
C MET A 269 0.88 9.68 0.57
N PRO A 270 0.07 8.66 0.19
CA PRO A 270 0.52 7.27 0.29
C PRO A 270 1.77 7.01 -0.56
N ILE A 271 2.82 6.49 0.07
N ILE A 271 2.82 6.50 0.07
CA ILE A 271 4.15 6.28 -0.56
CA ILE A 271 4.11 6.22 -0.62
C ILE A 271 4.94 5.23 0.21
C ILE A 271 4.94 5.24 0.20
N GLY A 272 5.78 4.50 -0.52
CA GLY A 272 6.97 3.82 0.00
C GLY A 272 8.00 3.83 -1.08
N ALA A 273 9.24 3.53 -0.76
CA ALA A 273 10.31 3.44 -1.76
C ALA A 273 11.32 2.39 -1.32
N VAL A 274 11.85 1.69 -2.30
CA VAL A 274 13.01 0.79 -2.19
C VAL A 274 14.13 1.44 -3.00
N ALA A 275 15.25 1.78 -2.36
CA ALA A 275 16.38 2.49 -3.00
C ALA A 275 17.67 1.76 -2.68
N GLY A 276 18.48 1.44 -3.68
CA GLY A 276 19.70 0.69 -3.40
C GLY A 276 20.67 0.69 -4.57
N ARG A 277 21.78 0.00 -4.38
CA ARG A 277 22.80 -0.16 -5.44
C ARG A 277 22.14 -0.88 -6.62
N ARG A 278 22.55 -0.54 -7.84
N ARG A 278 22.55 -0.54 -7.84
CA ARG A 278 21.95 -1.06 -9.09
CA ARG A 278 21.95 -1.05 -9.09
C ARG A 278 21.88 -2.59 -9.04
C ARG A 278 21.88 -2.59 -9.04
N ARG A 279 22.94 -3.27 -8.56
CA ARG A 279 23.00 -4.75 -8.64
C ARG A 279 21.87 -5.39 -7.81
N PHE A 280 21.54 -4.85 -6.63
CA PHE A 280 20.47 -5.41 -5.77
C PHE A 280 19.11 -5.12 -6.40
N MET A 281 18.97 -3.94 -7.00
CA MET A 281 17.70 -3.48 -7.59
C MET A 281 17.48 -4.13 -8.96
N SER A 282 18.50 -4.78 -9.54
CA SER A 282 18.44 -5.35 -10.90
C SER A 282 17.39 -6.47 -10.98
N VAL A 283 17.03 -7.10 -9.86
CA VAL A 283 15.99 -8.17 -9.85
C VAL A 283 14.67 -7.60 -10.39
N PHE A 284 14.44 -6.29 -10.28
CA PHE A 284 13.17 -5.64 -10.70
C PHE A 284 13.21 -5.24 -12.19
N ASP A 285 14.39 -5.19 -12.79
CA ASP A 285 14.61 -4.61 -14.15
C ASP A 285 13.86 -5.48 -15.16
N PRO A 286 12.82 -4.95 -15.85
CA PRO A 286 12.09 -5.72 -16.87
C PRO A 286 12.53 -5.47 -18.32
N SER A 287 13.66 -4.76 -18.52
CA SER A 287 14.07 -4.19 -19.84
C SER A 287 14.93 -5.19 -20.62
N LYS A 288 15.43 -6.24 -19.97
CA LYS A 288 16.33 -7.27 -20.57
C LYS A 288 15.68 -8.65 -20.42
N GLY A 289 14.40 -8.76 -20.79
CA GLY A 289 13.58 -9.97 -20.61
C GLY A 289 12.78 -9.92 -19.32
N LYS A 290 12.08 -11.00 -18.99
CA LYS A 290 11.22 -11.08 -17.78
C LYS A 290 12.09 -10.76 -16.56
N PRO A 291 11.60 -9.90 -15.64
CA PRO A 291 12.35 -9.60 -14.42
C PRO A 291 12.36 -10.81 -13.48
N ALA A 292 13.42 -10.95 -12.69
CA ALA A 292 13.50 -11.96 -11.61
C ALA A 292 12.36 -11.71 -10.62
N LEU A 293 12.03 -10.45 -10.36
CA LEU A 293 11.00 -10.06 -9.37
C LEU A 293 10.01 -9.09 -10.01
N PRO A 294 8.86 -9.60 -10.51
CA PRO A 294 7.77 -8.75 -10.94
C PRO A 294 7.32 -7.92 -9.74
N HIS A 295 7.02 -6.65 -9.98
CA HIS A 295 6.55 -5.72 -8.92
C HIS A 295 5.65 -4.68 -9.55
N SER A 296 4.35 -4.89 -9.47
CA SER A 296 3.36 -3.92 -9.98
C SER A 296 2.61 -3.32 -8.79
N GLY A 297 1.43 -2.75 -9.03
CA GLY A 297 0.66 -2.03 -8.01
C GLY A 297 -0.02 -0.83 -8.64
N SER A 298 -1.33 -0.75 -8.49
CA SER A 298 -2.20 0.21 -9.22
C SER A 298 -1.75 1.66 -8.99
N TYR A 299 -1.19 1.96 -7.82
CA TYR A 299 -0.85 3.37 -7.44
C TYR A 299 0.67 3.56 -7.39
N ASN A 300 1.47 2.58 -7.79
CA ASN A 300 2.94 2.76 -7.83
C ASN A 300 3.26 3.99 -8.67
N ALA A 301 4.02 4.93 -8.11
CA ALA A 301 4.54 6.11 -8.83
C ALA A 301 3.38 6.98 -9.33
N ASN A 302 2.20 6.91 -8.70
CA ASN A 302 1.05 7.74 -9.15
C ASN A 302 1.47 9.20 -9.03
N PRO A 303 1.07 10.07 -9.99
CA PRO A 303 1.58 11.43 -10.04
C PRO A 303 1.18 12.30 -8.83
N VAL A 304 0.13 11.93 -8.11
CA VAL A 304 -0.28 12.71 -6.90
C VAL A 304 0.76 12.45 -5.80
N SER A 305 1.09 11.19 -5.53
CA SER A 305 2.14 10.83 -4.53
C SER A 305 3.50 11.35 -5.00
N MET A 306 3.81 11.26 -6.30
CA MET A 306 5.10 11.78 -6.84
C MET A 306 5.18 13.30 -6.61
N SER A 307 4.09 14.03 -6.84
CA SER A 307 4.04 15.50 -6.69
C SER A 307 4.16 15.87 -5.21
N SER A 308 3.52 15.10 -4.33
CA SER A 308 3.67 15.25 -2.86
C SER A 308 5.15 15.08 -2.50
N GLY A 309 5.80 14.07 -3.07
CA GLY A 309 7.22 13.76 -2.86
C GLY A 309 8.13 14.89 -3.32
N ILE A 310 7.93 15.38 -4.55
CA ILE A 310 8.78 16.49 -5.09
C ILE A 310 8.66 17.70 -4.15
N ALA A 311 7.43 18.04 -3.74
CA ALA A 311 7.18 19.22 -2.86
C ALA A 311 7.83 18.97 -1.49
N SER A 312 7.68 17.77 -0.95
CA SER A 312 8.24 17.44 0.39
C SER A 312 9.77 17.59 0.36
N LEU A 313 10.44 17.00 -0.61
CA LEU A 313 11.93 17.05 -0.66
C LEU A 313 12.37 18.49 -0.92
N ARG A 314 11.63 19.25 -1.74
CA ARG A 314 11.97 20.68 -1.99
C ARG A 314 11.90 21.47 -0.67
N LEU A 315 10.88 21.21 0.15
CA LEU A 315 10.70 21.92 1.45
C LEU A 315 11.70 21.39 2.48
N LEU A 316 12.18 20.16 2.33
CA LEU A 316 13.13 19.53 3.29
C LEU A 316 14.53 19.96 2.90
N THR A 317 14.83 21.23 3.15
CA THR A 317 16.14 21.88 2.90
C THR A 317 17.08 21.54 4.05
N PRO A 318 18.40 21.68 3.86
CA PRO A 318 19.34 21.56 4.96
C PRO A 318 18.98 22.51 6.12
N GLN A 319 18.48 23.70 5.80
CA GLN A 319 18.12 24.74 6.80
C GLN A 319 16.91 24.26 7.62
N ALA A 320 15.89 23.71 6.96
CA ALA A 320 14.69 23.17 7.63
C ALA A 320 15.11 22.02 8.56
N HIS A 321 15.97 21.13 8.05
CA HIS A 321 16.49 19.97 8.81
C HIS A 321 17.19 20.46 10.08
N GLU A 322 18.09 21.44 9.93
CA GLU A 322 18.86 22.00 11.07
C GLU A 322 17.87 22.55 12.12
N ARG A 323 16.88 23.33 11.67
CA ARG A 323 16.01 24.08 12.62
C ARG A 323 15.11 23.09 13.38
N ILE A 324 14.51 22.10 12.71
CA ILE A 324 13.64 21.13 13.43
C ILE A 324 14.52 20.27 14.36
N GLY A 325 15.81 20.09 14.05
CA GLY A 325 16.77 19.42 14.96
C GLY A 325 16.97 20.23 16.22
N GLN A 326 17.11 21.56 16.09
CA GLN A 326 17.22 22.49 17.24
C GLN A 326 15.98 22.35 18.12
N LEU A 327 14.79 22.36 17.51
CA LEU A 327 13.50 22.29 18.25
C LEU A 327 13.38 20.93 18.93
N GLY A 328 13.83 19.86 18.27
CA GLY A 328 13.83 18.52 18.88
C GLY A 328 14.71 18.48 20.11
N GLU A 329 15.91 19.05 20.03
CA GLU A 329 16.85 19.13 21.18
C GLU A 329 16.18 19.91 22.33
N GLN A 330 15.54 21.03 22.01
N GLN A 330 15.53 21.04 22.01
CA GLN A 330 14.83 21.89 23.00
CA GLN A 330 14.82 21.90 23.00
C GLN A 330 13.70 21.10 23.66
C GLN A 330 13.70 21.10 23.66
N ALA A 331 12.88 20.41 22.87
CA ALA A 331 11.74 19.60 23.37
C ALA A 331 12.25 18.50 24.29
N ARG A 332 13.29 17.77 23.88
CA ARG A 332 13.84 16.64 24.69
C ARG A 332 14.38 17.20 26.01
N GLY A 333 15.14 18.29 25.95
CA GLY A 333 15.70 18.96 27.15
C GLY A 333 14.59 19.36 28.11
N SER A 334 13.54 20.02 27.61
CA SER A 334 12.39 20.51 28.42
C SER A 334 11.66 19.33 29.08
N MET A 335 11.48 18.23 28.35
CA MET A 335 10.80 17.04 28.92
C MET A 335 11.66 16.43 30.03
N ARG A 336 12.97 16.32 29.83
CA ARG A 336 13.89 15.76 30.87
C ARG A 336 13.81 16.63 32.12
N THR A 337 13.81 17.96 31.96
CA THR A 337 13.71 18.92 33.09
C THR A 337 12.40 18.66 33.84
N ALA A 338 11.29 18.57 33.11
CA ALA A 338 9.93 18.41 33.68
C ALA A 338 9.85 17.07 34.42
N LEU A 339 10.38 15.99 33.84
CA LEU A 339 10.33 14.64 34.46
C LEU A 339 11.15 14.67 35.76
N GLY A 340 12.33 15.28 35.71
CA GLY A 340 13.22 15.42 36.90
C GLY A 340 12.52 16.19 38.01
N GLU A 341 11.87 17.31 37.67
CA GLU A 341 11.21 18.19 38.67
C GLU A 341 9.99 17.47 39.25
N ALA A 342 9.35 16.58 38.47
CA ALA A 342 8.18 15.78 38.90
C ALA A 342 8.61 14.58 39.75
N GLY A 343 9.91 14.27 39.79
CA GLY A 343 10.47 13.14 40.55
C GLY A 343 10.28 11.79 39.86
N LEU A 344 10.18 11.76 38.53
CA LEU A 344 10.07 10.49 37.76
C LEU A 344 11.45 10.11 37.20
N ASP A 345 11.72 8.82 37.07
CA ASP A 345 13.00 8.28 36.57
C ASP A 345 12.89 8.01 35.05
N TRP A 346 11.85 8.55 34.42
CA TRP A 346 11.56 8.31 32.98
C TRP A 346 12.65 8.97 32.13
N GLU A 347 12.93 8.39 30.97
CA GLU A 347 13.96 8.90 30.03
C GLU A 347 13.29 9.52 28.81
N VAL A 348 14.05 10.35 28.10
CA VAL A 348 13.63 10.93 26.81
C VAL A 348 14.75 10.63 25.82
N ASN A 349 14.43 9.87 24.78
CA ASN A 349 15.40 9.49 23.73
C ASN A 349 15.01 10.20 22.44
N GLY A 350 15.91 10.15 21.47
CA GLY A 350 15.65 10.68 20.11
C GLY A 350 16.84 11.40 19.54
N LEU A 351 16.81 11.54 18.22
CA LEU A 351 17.80 12.25 17.39
C LEU A 351 17.02 13.29 16.59
N GLY A 352 17.63 14.43 16.30
CA GLY A 352 17.04 15.42 15.39
C GLY A 352 15.65 15.80 15.84
N SER A 353 14.65 15.65 14.96
CA SER A 353 13.25 16.10 15.19
C SER A 353 12.38 14.99 15.79
N LEU A 354 12.95 13.84 16.16
CA LEU A 354 12.19 12.71 16.77
C LEU A 354 12.44 12.67 18.28
N PHE A 355 11.43 12.29 19.04
CA PHE A 355 11.63 12.00 20.48
C PHE A 355 10.74 10.85 20.91
N ARG A 356 11.12 10.22 22.01
CA ARG A 356 10.23 9.27 22.70
C ARG A 356 10.43 9.40 24.20
N VAL A 357 9.33 9.65 24.91
CA VAL A 357 9.27 9.50 26.39
C VAL A 357 9.25 8.00 26.68
N VAL A 358 10.26 7.50 27.40
CA VAL A 358 10.37 6.07 27.78
C VAL A 358 10.07 5.96 29.28
N ALA A 359 8.84 5.56 29.60
CA ALA A 359 8.35 5.41 30.99
C ALA A 359 9.08 4.23 31.62
N ASN A 360 9.69 4.45 32.79
CA ASN A 360 10.49 3.43 33.51
C ASN A 360 9.68 2.95 34.72
N SER A 361 9.76 3.65 35.85
CA SER A 361 9.05 3.24 37.09
C SER A 361 7.62 3.77 37.08
N ALA A 362 6.64 2.89 37.28
CA ALA A 362 5.22 3.25 37.41
C ALA A 362 5.04 4.06 38.68
N PRO A 363 4.48 5.29 38.64
CA PRO A 363 4.17 6.04 39.85
C PRO A 363 2.94 5.43 40.56
N ALA A 364 2.72 5.86 41.80
CA ALA A 364 1.60 5.42 42.67
C ALA A 364 0.29 5.43 41.86
N GLY A 365 -0.45 4.33 41.90
CA GLY A 365 -1.83 4.24 41.36
C GLY A 365 -1.89 3.75 39.92
N TYR A 366 -0.76 3.41 39.31
N TYR A 366 -0.76 3.41 39.31
CA TYR A 366 -0.68 2.84 37.94
CA TYR A 366 -0.68 2.84 37.94
C TYR A 366 -0.05 1.45 38.01
C TYR A 366 -0.05 1.45 38.01
N ASP A 367 -0.66 0.48 37.33
CA ASP A 367 -0.28 -0.96 37.36
C ASP A 367 1.02 -1.18 36.56
N SER A 368 1.34 -0.26 35.65
CA SER A 368 2.53 -0.38 34.76
C SER A 368 3.00 1.01 34.32
N ALA A 369 4.26 1.10 33.89
CA ALA A 369 4.84 2.29 33.25
C ALA A 369 4.00 2.65 32.02
N ALA A 370 3.61 1.64 31.23
CA ALA A 370 2.81 1.83 29.98
C ALA A 370 1.47 2.49 30.32
N ALA A 371 0.82 2.07 31.42
CA ALA A 371 -0.48 2.64 31.85
C ALA A 371 -0.30 4.11 32.25
N ALA A 372 0.80 4.43 32.94
CA ALA A 372 1.13 5.81 33.36
C ALA A 372 1.35 6.68 32.11
N MET A 373 2.05 6.14 31.11
CA MET A 373 2.33 6.88 29.85
C MET A 373 1.01 7.12 29.10
N LYS A 374 0.09 6.14 29.06
CA LYS A 374 -1.23 6.31 28.41
C LYS A 374 -2.00 7.43 29.12
N ALA A 375 -1.94 7.47 30.45
CA ALA A 375 -2.60 8.53 31.25
C ALA A 375 -2.00 9.89 30.86
N LEU A 376 -0.69 9.97 30.69
CA LEU A 376 0.01 11.23 30.29
C LEU A 376 -0.45 11.64 28.89
N TYR A 377 -0.59 10.69 27.97
CA TYR A 377 -1.14 10.93 26.62
C TYR A 377 -2.52 11.59 26.72
N TRP A 378 -3.41 11.05 27.57
CA TRP A 378 -4.78 11.58 27.73
C TRP A 378 -4.75 12.97 28.37
N LYS A 379 -3.89 13.19 29.36
CA LYS A 379 -3.77 14.51 30.04
C LYS A 379 -3.22 15.54 29.05
N LEU A 380 -2.26 15.16 28.22
CA LEU A 380 -1.71 16.09 27.21
C LEU A 380 -2.82 16.51 26.23
N LEU A 381 -3.68 15.57 25.83
N LEU A 381 -3.68 15.57 25.83
CA LEU A 381 -4.88 15.84 24.98
CA LEU A 381 -4.87 15.86 24.98
C LEU A 381 -5.74 16.92 25.66
C LEU A 381 -5.74 16.93 25.66
N GLU A 382 -6.04 16.72 26.94
CA GLU A 382 -6.84 17.69 27.75
C GLU A 382 -6.15 19.06 27.75
N ASN A 383 -4.82 19.09 27.75
CA ASN A 383 -4.00 20.32 27.84
C ASN A 383 -3.50 20.78 26.47
N GLY A 384 -4.15 20.33 25.38
CA GLY A 384 -4.01 20.94 24.05
C GLY A 384 -2.88 20.38 23.20
N ILE A 385 -2.47 19.12 23.43
CA ILE A 385 -1.28 18.50 22.77
C ILE A 385 -1.62 17.08 22.32
N HIS A 386 -1.24 16.72 21.08
CA HIS A 386 -1.24 15.31 20.60
C HIS A 386 0.19 14.75 20.63
N ILE A 387 0.41 13.68 21.38
CA ILE A 387 1.61 12.81 21.24
C ILE A 387 1.15 11.36 21.08
N GLY A 388 2.10 10.43 20.98
CA GLY A 388 1.83 8.98 20.96
C GLY A 388 1.50 8.47 22.33
N ASP A 389 0.65 7.44 22.42
CA ASP A 389 0.16 6.91 23.72
C ASP A 389 1.27 6.08 24.40
N SER A 390 2.41 5.84 23.75
CA SER A 390 3.60 5.20 24.37
C SER A 390 4.82 6.13 24.31
N GLY A 391 4.58 7.43 24.10
CA GLY A 391 5.60 8.48 24.31
C GLY A 391 6.25 9.01 23.03
N LEU A 392 5.90 8.49 21.86
CA LEU A 392 6.54 8.95 20.59
C LEU A 392 6.05 10.37 20.24
N GLY A 393 6.96 11.18 19.73
CA GLY A 393 6.59 12.50 19.20
C GLY A 393 7.60 13.01 18.20
N CYS A 394 7.29 14.13 17.57
CA CYS A 394 8.22 14.73 16.59
C CYS A 394 7.86 16.19 16.33
N ILE A 395 8.83 16.89 15.76
CA ILE A 395 8.73 18.32 15.35
C ILE A 395 8.24 18.37 13.91
N SER A 396 7.42 19.36 13.59
CA SER A 396 7.05 19.70 12.19
C SER A 396 7.61 21.08 11.85
N THR A 397 7.87 21.34 10.57
CA THR A 397 8.51 22.62 10.14
C THR A 397 7.67 23.85 10.49
N PRO A 398 6.31 23.79 10.57
CA PRO A 398 5.55 24.99 10.96
C PRO A 398 5.75 25.40 12.43
N MET A 399 6.30 24.50 13.26
CA MET A 399 6.56 24.84 14.67
C MET A 399 7.72 25.84 14.76
N GLY A 400 7.66 26.69 15.79
CA GLY A 400 8.80 27.48 16.25
C GLY A 400 9.08 27.21 17.73
N GLU A 401 9.99 27.96 18.31
CA GLU A 401 10.38 27.79 19.74
C GLU A 401 9.12 27.98 20.61
N GLU A 402 8.16 28.80 20.18
CA GLU A 402 6.91 29.08 20.97
C GLU A 402 6.07 27.82 21.14
N GLU A 403 5.92 27.00 20.10
CA GLU A 403 5.15 25.73 20.18
C GLU A 403 5.84 24.78 21.17
N ILE A 404 7.18 24.69 21.13
CA ILE A 404 7.94 23.77 22.02
C ILE A 404 7.84 24.31 23.46
N ALA A 405 7.86 25.63 23.67
CA ALA A 405 7.67 26.22 25.01
C ALA A 405 6.24 25.92 25.52
N GLU A 406 5.22 26.03 24.67
CA GLU A 406 3.81 25.72 25.07
C GLU A 406 3.71 24.24 25.43
N TYR A 407 4.36 23.38 24.65
CA TYR A 407 4.42 21.92 24.91
C TYR A 407 5.02 21.68 26.30
N ALA A 408 6.12 22.35 26.62
CA ALA A 408 6.85 22.19 27.91
C ALA A 408 5.90 22.52 29.07
N VAL A 409 5.13 23.60 28.93
CA VAL A 409 4.14 24.01 29.98
C VAL A 409 3.08 22.90 30.12
N ALA A 410 2.50 22.46 29.01
CA ALA A 410 1.43 21.43 29.00
C ALA A 410 1.98 20.11 29.55
N PHE A 411 3.23 19.77 29.25
CA PHE A 411 3.88 18.51 29.67
C PHE A 411 4.02 18.51 31.20
N ALA A 412 4.58 19.57 31.79
CA ALA A 412 4.75 19.69 33.25
C ALA A 412 3.37 19.62 33.94
N LYS A 413 2.38 20.33 33.40
CA LYS A 413 1.01 20.38 33.98
C LYS A 413 0.42 18.97 33.95
N SER A 414 0.54 18.29 32.80
CA SER A 414 -0.02 16.94 32.57
C SER A 414 0.63 15.93 33.52
N LEU A 415 1.96 15.97 33.70
CA LEU A 415 2.68 15.09 34.66
C LEU A 415 2.04 15.27 36.04
N GLY A 416 1.87 16.52 36.48
CA GLY A 416 1.26 16.83 37.80
C GLY A 416 -0.11 16.18 37.94
N GLN A 417 -0.96 16.28 36.91
CA GLN A 417 -2.34 15.77 36.95
C GLN A 417 -2.32 14.23 36.95
N VAL A 418 -1.47 13.60 36.14
CA VAL A 418 -1.28 12.13 36.11
C VAL A 418 -0.91 11.65 37.52
N LEU A 419 0.07 12.30 38.15
CA LEU A 419 0.59 11.86 39.47
C LEU A 419 -0.50 12.04 40.53
N ALA A 420 -1.21 13.19 40.52
CA ALA A 420 -2.26 13.50 41.51
C ALA A 420 -3.39 12.48 41.41
N GLU A 421 -3.81 12.12 40.19
CA GLU A 421 -4.95 11.18 39.96
C GLU A 421 -4.55 9.77 40.42
N GLY A 422 -3.29 9.40 40.26
CA GLY A 422 -2.75 8.11 40.75
C GLY A 422 -2.81 7.99 42.26
N ARG A 423 -2.64 9.12 42.98
CA ARG A 423 -2.61 9.18 44.46
C ARG A 423 -4.03 9.39 45.02
N ALA A 424 -5.00 9.78 44.18
CA ALA A 424 -6.40 10.04 44.56
C ALA A 424 -7.00 8.80 45.25
N ALA B 1 4.36 7.11 -38.41
CA ALA B 1 3.40 8.21 -38.09
C ALA B 1 3.57 8.65 -36.64
N MET B 2 3.69 7.70 -35.71
CA MET B 2 3.63 7.94 -34.24
C MET B 2 4.97 8.49 -33.72
N ILE B 3 4.93 9.65 -33.05
CA ILE B 3 6.11 10.37 -32.50
C ILE B 3 6.17 10.11 -31.00
N THR B 4 7.28 9.57 -30.49
CA THR B 4 7.46 9.24 -29.07
C THR B 4 8.80 9.77 -28.55
N GLU B 5 9.34 10.84 -29.14
CA GLU B 5 10.69 11.36 -28.79
C GLU B 5 10.71 11.82 -27.32
N LYS B 6 9.66 12.47 -26.83
CA LYS B 6 9.64 12.95 -25.42
C LYS B 6 9.52 11.76 -24.46
N SER B 7 8.80 10.70 -24.85
CA SER B 7 8.75 9.44 -24.06
C SER B 7 10.14 8.82 -24.01
N ALA B 8 10.84 8.77 -25.15
CA ALA B 8 12.21 8.21 -25.25
C ALA B 8 13.16 8.99 -24.33
N ALA B 9 13.03 10.32 -24.30
CA ALA B 9 13.91 11.21 -23.49
C ALA B 9 13.64 10.97 -21.99
N LEU B 10 12.37 10.83 -21.62
CA LEU B 10 12.00 10.51 -20.21
C LEU B 10 12.58 9.13 -19.85
N TYR B 11 12.50 8.16 -20.75
CA TYR B 11 13.02 6.80 -20.48
C TYR B 11 14.55 6.87 -20.28
N ALA B 12 15.26 7.66 -21.08
CA ALA B 12 16.73 7.80 -20.98
C ALA B 12 17.11 8.36 -19.60
N ARG B 13 16.29 9.26 -19.05
CA ARG B 13 16.49 9.75 -17.66
C ARG B 13 16.13 8.64 -16.68
N ALA B 14 15.01 7.94 -16.90
CA ALA B 14 14.45 6.95 -15.95
C ALA B 14 15.44 5.80 -15.70
N VAL B 15 16.14 5.33 -16.74
CA VAL B 15 17.05 4.15 -16.61
C VAL B 15 18.22 4.47 -15.68
N GLU B 16 18.51 5.76 -15.44
CA GLU B 16 19.62 6.17 -14.54
C GLU B 16 19.20 6.09 -13.06
N VAL B 17 17.89 6.10 -12.78
CA VAL B 17 17.40 6.26 -11.38
C VAL B 17 16.37 5.18 -10.98
N MET B 18 15.98 4.31 -11.92
N MET B 18 15.97 4.30 -11.91
CA MET B 18 15.05 3.18 -11.66
CA MET B 18 15.04 3.18 -11.62
C MET B 18 15.58 1.95 -12.37
C MET B 18 15.51 1.96 -12.40
N PRO B 19 15.28 0.74 -11.87
CA PRO B 19 15.73 -0.49 -12.53
C PRO B 19 15.04 -0.66 -13.90
N GLY B 20 15.82 -0.60 -14.97
CA GLY B 20 15.31 -0.59 -16.35
C GLY B 20 14.35 0.56 -16.58
N GLY B 21 14.48 1.65 -15.82
CA GLY B 21 13.64 2.85 -15.96
C GLY B 21 12.19 2.59 -15.58
N ASN B 22 11.96 1.64 -14.67
CA ASN B 22 10.61 1.10 -14.35
C ASN B 22 10.35 1.12 -12.84
N SER B 23 9.12 1.43 -12.45
CA SER B 23 8.66 1.41 -11.04
C SER B 23 7.40 0.56 -10.89
N ARG B 24 6.94 -0.08 -11.96
CA ARG B 24 5.67 -0.84 -11.97
C ARG B 24 5.68 -1.75 -13.20
N THR B 25 5.91 -3.04 -13.00
CA THR B 25 6.25 -3.97 -14.12
C THR B 25 5.14 -3.90 -15.19
N ALA B 26 3.88 -3.89 -14.77
CA ALA B 26 2.69 -3.99 -15.64
C ALA B 26 2.65 -2.84 -16.67
N VAL B 27 3.25 -1.69 -16.41
CA VAL B 27 3.15 -0.52 -17.35
C VAL B 27 4.37 -0.45 -18.26
N TYR B 28 5.37 -1.31 -18.08
CA TYR B 28 6.55 -1.33 -18.96
C TYR B 28 6.17 -1.92 -20.33
N SER B 29 6.73 -1.36 -21.40
CA SER B 29 6.73 -1.92 -22.77
C SER B 29 8.14 -1.76 -23.36
N SER B 30 8.58 -2.69 -24.20
CA SER B 30 9.88 -2.62 -24.91
C SER B 30 9.70 -1.83 -26.21
N PRO B 31 10.65 -0.96 -26.60
CA PRO B 31 11.86 -0.68 -25.82
C PRO B 31 11.62 0.30 -24.65
N TYR B 32 10.54 1.07 -24.72
CA TYR B 32 10.06 1.95 -23.64
C TYR B 32 8.57 2.14 -23.80
N PRO B 33 7.84 2.38 -22.69
CA PRO B 33 6.42 2.70 -22.76
C PRO B 33 6.18 4.16 -23.14
N VAL B 34 4.99 4.45 -23.64
CA VAL B 34 4.46 5.83 -23.82
C VAL B 34 4.26 6.44 -22.43
N TYR B 35 4.89 7.59 -22.19
CA TYR B 35 4.69 8.41 -20.97
C TYR B 35 3.51 9.36 -21.21
N VAL B 36 2.71 9.61 -20.17
CA VAL B 36 1.51 10.48 -20.28
C VAL B 36 1.63 11.62 -19.27
N ARG B 37 1.00 12.75 -19.58
CA ARG B 37 1.11 13.97 -18.75
C ARG B 37 -0.21 14.33 -18.09
N SER B 38 -1.35 14.00 -18.73
N SER B 38 -1.35 14.00 -18.72
CA SER B 38 -2.68 14.45 -18.27
CA SER B 38 -2.68 14.41 -18.22
C SER B 38 -3.79 13.57 -18.83
C SER B 38 -3.78 13.54 -18.81
N GLY B 39 -4.93 13.53 -18.13
CA GLY B 39 -6.16 12.90 -18.60
C GLY B 39 -7.34 13.81 -18.34
N SER B 40 -8.33 13.78 -19.21
CA SER B 40 -9.59 14.54 -19.05
C SER B 40 -10.74 13.69 -19.60
N GLY B 41 -11.71 13.35 -18.75
CA GLY B 41 -12.84 12.48 -19.13
C GLY B 41 -12.33 11.11 -19.57
N ALA B 42 -12.61 10.72 -20.81
CA ALA B 42 -12.24 9.39 -21.35
C ALA B 42 -10.90 9.46 -22.09
N ARG B 43 -10.19 10.59 -22.05
CA ARG B 43 -9.02 10.82 -22.93
C ARG B 43 -7.75 11.10 -22.11
N VAL B 44 -6.62 10.63 -22.63
CA VAL B 44 -5.27 10.79 -22.04
C VAL B 44 -4.37 11.45 -23.08
N THR B 45 -3.60 12.43 -22.65
CA THR B 45 -2.63 13.16 -23.50
C THR B 45 -1.22 12.72 -23.12
N ASP B 46 -0.46 12.20 -24.08
CA ASP B 46 0.91 11.70 -23.82
C ASP B 46 1.87 12.89 -23.80
N VAL B 47 3.13 12.65 -23.45
CA VAL B 47 4.15 13.71 -23.26
C VAL B 47 4.52 14.33 -24.62
N ASP B 48 4.18 13.66 -25.72
CA ASP B 48 4.40 14.16 -27.11
C ASP B 48 3.16 14.94 -27.58
N GLY B 49 2.18 15.17 -26.69
CA GLY B 49 1.00 16.02 -26.95
C GLY B 49 -0.11 15.29 -27.70
N VAL B 50 -0.06 13.97 -27.80
CA VAL B 50 -1.04 13.15 -28.55
C VAL B 50 -2.17 12.70 -27.60
N GLU B 51 -3.40 13.09 -27.90
CA GLU B 51 -4.61 12.72 -27.13
C GLU B 51 -5.20 11.43 -27.70
N ARG B 52 -5.49 10.47 -26.83
CA ARG B 52 -6.08 9.15 -27.18
C ARG B 52 -7.24 8.85 -26.25
N ILE B 53 -8.17 8.01 -26.69
CA ILE B 53 -9.26 7.51 -25.80
C ILE B 53 -8.68 6.35 -24.99
N ASP B 54 -8.86 6.41 -23.68
CA ASP B 54 -8.35 5.41 -22.72
C ASP B 54 -9.40 4.33 -22.51
N PHE B 55 -9.16 3.13 -23.05
CA PHE B 55 -10.03 1.94 -22.86
C PHE B 55 -9.36 0.94 -21.92
N LEU B 56 -8.45 1.38 -21.05
CA LEU B 56 -8.00 0.50 -19.94
C LEU B 56 -8.04 1.21 -18.58
N ASN B 57 -7.82 2.52 -18.51
CA ASN B 57 -8.25 3.32 -17.33
C ASN B 57 -7.50 2.89 -16.07
N ASN B 58 -6.18 2.97 -16.13
CA ASN B 58 -5.27 2.52 -15.05
C ASN B 58 -5.69 1.12 -14.60
N SER B 59 -5.62 0.15 -15.52
N SER B 59 -5.62 0.16 -15.52
CA SER B 59 -5.90 -1.28 -15.22
CA SER B 59 -5.91 -1.28 -15.27
C SER B 59 -7.28 -1.43 -14.57
C SER B 59 -7.27 -1.42 -14.57
N THR B 60 -8.28 -0.72 -15.10
CA THR B 60 -9.71 -0.80 -14.69
C THR B 60 -9.97 -0.05 -13.37
N THR B 61 -9.02 0.72 -12.86
CA THR B 61 -9.24 1.56 -11.65
C THR B 61 -10.22 2.70 -11.95
N LEU B 62 -10.04 3.39 -13.08
CA LEU B 62 -10.70 4.71 -13.29
C LEU B 62 -12.10 4.50 -13.85
N ILE B 63 -13.03 3.99 -13.05
CA ILE B 63 -14.41 3.73 -13.53
C ILE B 63 -15.05 5.05 -13.98
N HIS B 64 -14.65 6.19 -13.39
CA HIS B 64 -15.20 7.53 -13.75
C HIS B 64 -14.23 8.29 -14.66
N GLY B 65 -13.29 7.58 -15.28
CA GLY B 65 -12.29 8.18 -16.17
C GLY B 65 -11.39 9.16 -15.42
N HIS B 66 -10.83 10.10 -16.16
CA HIS B 66 -9.70 10.96 -15.71
C HIS B 66 -10.23 12.29 -15.19
N ALA B 67 -9.78 12.68 -14.00
CA ALA B 67 -10.02 14.02 -13.44
C ALA B 67 -11.52 14.36 -13.57
N HIS B 68 -12.38 13.43 -13.18
CA HIS B 68 -13.85 13.68 -13.12
C HIS B 68 -14.03 14.91 -12.23
N PRO B 69 -14.73 15.96 -12.69
N PRO B 69 -14.79 15.94 -12.67
CA PRO B 69 -14.84 17.19 -11.91
CA PRO B 69 -14.86 17.20 -11.92
C PRO B 69 -15.31 17.00 -10.46
C PRO B 69 -15.32 17.00 -10.48
N GLU B 70 -16.25 16.07 -10.23
CA GLU B 70 -16.79 15.84 -8.86
C GLU B 70 -15.76 15.10 -8.02
N MET B 71 -14.95 14.22 -8.63
N MET B 71 -14.91 14.26 -8.63
CA MET B 71 -13.83 13.53 -7.94
CA MET B 71 -13.84 13.57 -7.89
C MET B 71 -12.75 14.57 -7.59
C MET B 71 -12.70 14.54 -7.59
N VAL B 72 -12.35 15.39 -8.56
CA VAL B 72 -11.30 16.43 -8.37
C VAL B 72 -11.72 17.35 -7.23
N GLU B 73 -12.98 17.80 -7.22
CA GLU B 73 -13.49 18.70 -6.16
C GLU B 73 -13.30 18.01 -4.80
N ALA B 74 -13.80 16.79 -4.65
CA ALA B 74 -13.81 16.04 -3.37
C ALA B 74 -12.37 15.83 -2.89
N ILE B 75 -11.49 15.40 -3.80
CA ILE B 75 -10.08 15.04 -3.46
C ILE B 75 -9.31 16.32 -3.10
N ALA B 76 -9.36 17.35 -3.95
CA ALA B 76 -8.58 18.59 -3.73
C ALA B 76 -9.06 19.27 -2.44
N ALA B 77 -10.37 19.27 -2.18
CA ALA B 77 -10.93 19.87 -0.94
C ALA B 77 -10.38 19.10 0.26
N ALA B 78 -10.38 17.77 0.22
CA ALA B 78 -9.87 16.92 1.32
C ALA B 78 -8.39 17.26 1.55
N VAL B 79 -7.59 17.34 0.49
CA VAL B 79 -6.14 17.66 0.58
C VAL B 79 -5.97 18.97 1.36
N GLY B 80 -6.80 19.98 1.10
CA GLY B 80 -6.70 21.30 1.73
C GLY B 80 -6.92 21.25 3.24
N HIS B 81 -7.62 20.23 3.76
CA HIS B 81 -7.91 20.05 5.21
C HIS B 81 -6.87 19.15 5.88
N GLY B 82 -5.99 18.52 5.12
CA GLY B 82 -4.99 17.58 5.67
C GLY B 82 -5.03 16.25 4.95
N THR B 83 -3.89 15.78 4.47
CA THR B 83 -3.78 14.58 3.61
C THR B 83 -3.93 13.30 4.45
N SER B 84 -3.33 13.28 5.65
CA SER B 84 -3.40 12.13 6.56
C SER B 84 -3.19 12.59 8.00
N PHE B 85 -3.72 11.82 8.93
CA PHE B 85 -3.74 12.12 10.38
C PHE B 85 -3.44 10.85 11.16
N GLY B 86 -2.89 11.03 12.37
CA GLY B 86 -2.71 9.94 13.35
C GLY B 86 -3.96 9.73 14.19
N MET B 87 -5.12 10.12 13.68
CA MET B 87 -6.43 10.02 14.36
C MET B 87 -7.47 9.72 13.29
N PRO B 88 -8.56 8.99 13.62
CA PRO B 88 -9.62 8.75 12.64
C PRO B 88 -10.37 10.05 12.34
N THR B 89 -11.09 10.06 11.21
CA THR B 89 -11.81 11.24 10.68
C THR B 89 -13.26 10.86 10.42
N PRO B 90 -14.17 11.84 10.35
CA PRO B 90 -15.55 11.59 9.95
C PRO B 90 -15.68 10.83 8.62
N VAL B 91 -14.86 11.16 7.62
CA VAL B 91 -15.03 10.60 6.25
C VAL B 91 -14.74 9.10 6.26
N GLU B 92 -13.90 8.57 7.16
CA GLU B 92 -13.67 7.10 7.20
C GLU B 92 -14.98 6.42 7.60
N VAL B 93 -15.74 7.02 8.52
CA VAL B 93 -17.03 6.44 8.99
C VAL B 93 -18.05 6.53 7.85
N GLU B 94 -18.14 7.70 7.20
CA GLU B 94 -19.07 7.94 6.07
C GLU B 94 -18.78 6.94 4.94
N TYR B 95 -17.50 6.74 4.62
CA TYR B 95 -17.11 5.84 3.50
C TYR B 95 -17.39 4.38 3.88
N ALA B 96 -17.09 3.98 5.12
CA ALA B 96 -17.39 2.60 5.59
C ALA B 96 -18.89 2.36 5.49
N GLU B 97 -19.72 3.35 5.85
CA GLU B 97 -21.20 3.24 5.72
C GLU B 97 -21.58 3.06 4.25
N ALA B 98 -20.98 3.86 3.35
CA ALA B 98 -21.28 3.82 1.90
C ALA B 98 -20.90 2.45 1.32
N LEU B 99 -19.72 1.93 1.67
CA LEU B 99 -19.23 0.65 1.09
C LEU B 99 -20.02 -0.51 1.69
N SER B 100 -20.27 -0.49 3.00
CA SER B 100 -21.05 -1.55 3.70
C SER B 100 -22.43 -1.71 3.06
N ALA B 101 -23.03 -0.61 2.59
CA ALA B 101 -24.40 -0.59 2.01
C ALA B 101 -24.43 -1.33 0.66
N ARG B 102 -23.29 -1.59 0.02
CA ARG B 102 -23.24 -2.14 -1.36
C ARG B 102 -23.54 -3.64 -1.37
N ASN B 103 -23.38 -4.36 -0.25
CA ASN B 103 -23.59 -5.83 -0.20
C ASN B 103 -23.85 -6.24 1.25
N GLU B 104 -24.83 -7.12 1.44
CA GLU B 104 -25.21 -7.69 2.76
C GLU B 104 -23.98 -8.23 3.50
N THR B 105 -23.03 -8.85 2.79
CA THR B 105 -21.88 -9.55 3.42
C THR B 105 -20.79 -8.55 3.85
N PHE B 106 -20.86 -7.28 3.43
CA PHE B 106 -19.84 -6.25 3.75
C PHE B 106 -20.15 -5.64 5.13
N GLU B 107 -20.33 -6.46 6.15
CA GLU B 107 -20.87 -6.01 7.47
C GLU B 107 -19.86 -5.09 8.15
N HIS B 108 -18.60 -5.52 8.19
CA HIS B 108 -17.48 -4.78 8.81
C HIS B 108 -16.37 -4.63 7.76
N VAL B 109 -15.81 -3.43 7.67
CA VAL B 109 -14.80 -3.09 6.63
C VAL B 109 -13.56 -2.57 7.32
N ARG B 110 -12.39 -2.82 6.72
CA ARG B 110 -11.14 -2.12 7.07
C ARG B 110 -10.49 -1.67 5.76
N PHE B 111 -9.88 -0.49 5.80
CA PHE B 111 -9.22 0.13 4.65
C PHE B 111 -7.71 -0.06 4.73
N THR B 112 -7.13 -0.28 3.55
CA THR B 112 -5.68 -0.38 3.30
C THR B 112 -5.32 0.65 2.23
N SER B 113 -4.04 0.73 1.85
CA SER B 113 -3.58 1.68 0.80
C SER B 113 -3.49 1.00 -0.56
N SER B 114 -3.81 -0.29 -0.66
CA SER B 114 -3.75 -1.03 -1.95
C SER B 114 -4.55 -2.32 -1.87
N GLY B 115 -4.95 -2.84 -3.03
CA GLY B 115 -5.52 -4.20 -3.13
C GLY B 115 -4.51 -5.23 -2.67
N THR B 116 -3.22 -5.01 -2.95
CA THR B 116 -2.11 -5.92 -2.55
C THR B 116 -2.14 -6.09 -1.02
N GLU B 117 -2.17 -4.99 -0.28
CA GLU B 117 -2.27 -5.00 1.20
C GLU B 117 -3.57 -5.67 1.64
N ALA B 118 -4.69 -5.35 0.97
CA ALA B 118 -6.02 -5.85 1.37
C ALA B 118 -6.06 -7.38 1.21
N VAL B 119 -5.52 -7.94 0.12
CA VAL B 119 -5.47 -9.42 -0.08
C VAL B 119 -4.62 -10.01 1.05
N MET B 120 -3.47 -9.41 1.33
CA MET B 120 -2.55 -9.91 2.39
C MET B 120 -3.32 -9.93 3.71
N MET B 121 -4.02 -8.85 4.05
CA MET B 121 -4.71 -8.78 5.37
C MET B 121 -5.90 -9.73 5.42
N ALA B 122 -6.58 -9.99 4.29
CA ALA B 122 -7.68 -10.97 4.23
C ALA B 122 -7.14 -12.37 4.51
N VAL B 123 -6.02 -12.73 3.89
CA VAL B 123 -5.35 -14.05 4.12
C VAL B 123 -4.92 -14.13 5.59
N GLN B 124 -4.29 -13.08 6.11
CA GLN B 124 -3.85 -13.07 7.53
C GLN B 124 -5.08 -13.22 8.43
N ALA B 125 -6.21 -12.59 8.09
CA ALA B 125 -7.45 -12.65 8.90
C ALA B 125 -7.96 -14.09 8.92
N ALA B 126 -7.99 -14.77 7.78
CA ALA B 126 -8.46 -16.17 7.70
C ALA B 126 -7.54 -17.07 8.53
N ARG B 127 -6.23 -16.86 8.43
CA ARG B 127 -5.22 -17.64 9.21
C ARG B 127 -5.41 -17.38 10.71
N ALA B 128 -5.64 -16.12 11.13
CA ALA B 128 -5.83 -15.78 12.55
C ALA B 128 -7.14 -16.39 13.06
N TYR B 129 -8.20 -16.34 12.25
CA TYR B 129 -9.56 -16.81 12.63
C TYR B 129 -9.56 -18.33 12.81
N THR B 130 -8.94 -19.06 11.88
CA THR B 130 -8.98 -20.54 11.81
C THR B 130 -7.79 -21.16 12.56
N GLU B 131 -6.68 -20.42 12.69
CA GLU B 131 -5.38 -20.92 13.21
C GLU B 131 -4.92 -22.10 12.35
N ARG B 132 -5.20 -22.06 11.05
CA ARG B 132 -4.75 -23.06 10.06
C ARG B 132 -3.78 -22.40 9.09
N PRO B 133 -2.77 -23.14 8.59
CA PRO B 133 -1.72 -22.55 7.75
C PRO B 133 -2.00 -22.40 6.25
N LYS B 134 -2.76 -23.30 5.63
CA LYS B 134 -2.79 -23.38 4.15
C LYS B 134 -3.85 -22.43 3.57
N ILE B 135 -3.58 -21.93 2.38
CA ILE B 135 -4.58 -21.22 1.54
C ILE B 135 -4.68 -21.96 0.21
N ALA B 136 -5.87 -21.94 -0.38
CA ALA B 136 -6.11 -22.42 -1.75
C ALA B 136 -6.38 -21.20 -2.63
N LYS B 137 -5.81 -21.19 -3.82
CA LYS B 137 -6.08 -20.13 -4.82
C LYS B 137 -6.26 -20.79 -6.19
N ILE B 138 -6.74 -20.01 -7.14
CA ILE B 138 -6.99 -20.47 -8.53
C ILE B 138 -5.65 -20.56 -9.28
N ALA B 139 -5.44 -21.64 -10.02
CA ALA B 139 -4.31 -21.77 -10.97
C ALA B 139 -4.39 -20.64 -12.01
N GLY B 140 -3.38 -19.79 -12.03
CA GLY B 140 -3.18 -18.73 -13.06
C GLY B 140 -3.63 -17.36 -12.60
N ALA B 141 -4.46 -17.28 -11.56
CA ALA B 141 -5.09 -16.00 -11.12
C ALA B 141 -4.06 -15.14 -10.39
N TYR B 142 -4.09 -13.84 -10.67
CA TYR B 142 -3.18 -12.83 -10.05
C TYR B 142 -3.89 -12.11 -8.90
N HIS B 143 -3.18 -11.93 -7.77
CA HIS B 143 -3.72 -11.29 -6.55
C HIS B 143 -2.71 -10.29 -5.97
N GLY B 144 -1.73 -9.84 -6.76
CA GLY B 144 -0.70 -8.89 -6.31
C GLY B 144 0.55 -9.60 -5.81
N ALA B 145 1.49 -8.83 -5.26
CA ALA B 145 2.88 -9.28 -5.00
C ALA B 145 3.03 -10.01 -3.65
N TYR B 146 2.04 -10.00 -2.76
CA TYR B 146 2.17 -10.67 -1.45
C TYR B 146 2.61 -12.12 -1.68
N ASP B 147 3.65 -12.58 -0.98
N ASP B 147 3.66 -12.54 -0.95
CA ASP B 147 4.38 -13.81 -1.38
CA ASP B 147 4.41 -13.82 -1.10
C ASP B 147 3.43 -15.03 -1.29
C ASP B 147 3.44 -15.00 -1.27
N ALA B 148 2.47 -15.10 -0.37
CA ALA B 148 1.58 -16.27 -0.23
C ALA B 148 0.67 -16.40 -1.46
N VAL B 149 0.40 -15.30 -2.17
CA VAL B 149 -0.54 -15.31 -3.33
C VAL B 149 0.22 -15.11 -4.65
N ALA B 150 1.53 -14.85 -4.60
CA ALA B 150 2.37 -14.65 -5.81
C ALA B 150 2.87 -16.01 -6.30
N VAL B 151 1.93 -16.97 -6.38
CA VAL B 151 2.14 -18.41 -6.68
C VAL B 151 1.16 -18.74 -7.80
N ASN B 152 1.63 -19.33 -8.90
CA ASN B 152 0.76 -19.76 -10.02
C ASN B 152 -0.15 -18.60 -10.42
N ASN B 153 0.44 -17.44 -10.71
CA ASN B 153 -0.30 -16.15 -10.82
C ASN B 153 -0.05 -15.53 -12.20
N ASP B 154 0.26 -16.37 -13.19
CA ASP B 154 0.87 -16.01 -14.49
C ASP B 154 -0.03 -16.45 -15.66
N GLY B 155 -1.29 -16.82 -15.39
CA GLY B 155 -2.27 -17.23 -16.43
C GLY B 155 -2.19 -18.71 -16.77
N SER B 156 -1.24 -19.47 -16.24
CA SER B 156 -1.13 -20.93 -16.49
C SER B 156 -2.27 -21.67 -15.80
N GLY B 157 -2.80 -22.72 -16.44
CA GLY B 157 -3.80 -23.63 -15.84
C GLY B 157 -3.16 -24.77 -15.05
N ASN B 158 -1.83 -24.89 -15.07
CA ASN B 158 -1.13 -26.02 -14.39
C ASN B 158 -1.22 -25.84 -12.88
N LEU B 159 -1.35 -26.94 -12.15
CA LEU B 159 -1.49 -26.94 -10.66
C LEU B 159 -0.12 -27.06 -9.99
N ILE B 160 0.94 -27.39 -10.74
CA ILE B 160 2.33 -27.51 -10.20
C ILE B 160 2.74 -26.17 -9.60
N SER B 161 3.24 -26.16 -8.37
CA SER B 161 3.74 -24.93 -7.69
C SER B 161 4.73 -24.22 -8.62
N HIS B 162 4.47 -22.95 -8.89
CA HIS B 162 5.38 -22.05 -9.65
C HIS B 162 5.34 -20.68 -8.97
N ALA B 163 6.46 -20.26 -8.40
CA ALA B 163 6.54 -19.03 -7.59
C ALA B 163 7.66 -18.12 -8.13
N VAL B 164 7.71 -16.89 -7.63
CA VAL B 164 8.79 -15.91 -7.94
C VAL B 164 10.11 -16.46 -7.39
N THR B 165 11.21 -16.23 -8.11
CA THR B 165 12.60 -16.53 -7.66
C THR B 165 12.78 -16.00 -6.24
N GLY B 166 13.19 -16.87 -5.31
CA GLY B 166 13.50 -16.47 -3.93
C GLY B 166 12.35 -16.73 -2.97
N ASN B 167 11.10 -16.87 -3.45
CA ASN B 167 9.95 -17.17 -2.56
C ASN B 167 10.21 -18.53 -1.92
N PRO B 168 10.43 -18.59 -0.57
CA PRO B 168 10.86 -19.84 0.05
C PRO B 168 9.80 -20.96 0.03
N GLU B 169 10.26 -22.20 0.11
CA GLU B 169 9.40 -23.41 0.27
C GLU B 169 8.44 -23.20 1.45
N GLY B 170 8.89 -22.55 2.52
CA GLY B 170 8.08 -22.28 3.72
C GLY B 170 6.81 -21.53 3.39
N VAL B 171 6.87 -20.61 2.41
CA VAL B 171 5.67 -19.89 1.90
C VAL B 171 4.95 -20.79 0.88
N VAL B 172 5.67 -21.24 -0.14
CA VAL B 172 5.05 -21.86 -1.35
C VAL B 172 4.30 -23.13 -0.95
N ALA B 173 4.81 -23.91 0.01
CA ALA B 173 4.22 -25.21 0.41
C ALA B 173 2.85 -25.00 1.07
N ASN B 174 2.55 -23.80 1.57
CA ASN B 174 1.28 -23.50 2.28
C ASN B 174 0.25 -22.88 1.33
N THR B 175 0.56 -22.72 0.05
CA THR B 175 -0.41 -22.26 -0.97
C THR B 175 -0.66 -23.41 -1.94
N VAL B 176 -1.90 -23.92 -1.95
CA VAL B 176 -2.32 -25.02 -2.86
C VAL B 176 -3.19 -24.39 -3.96
N VAL B 177 -3.24 -25.06 -5.11
CA VAL B 177 -3.77 -24.47 -6.38
C VAL B 177 -4.94 -25.34 -6.86
N ILE B 178 -6.06 -24.71 -7.24
CA ILE B 178 -7.27 -25.41 -7.76
C ILE B 178 -7.58 -24.95 -9.18
N PRO B 179 -8.14 -25.85 -10.01
CA PRO B 179 -8.52 -25.51 -11.37
C PRO B 179 -9.84 -24.73 -11.44
N PHE B 180 -9.79 -23.55 -12.07
CA PHE B 180 -10.96 -22.64 -12.21
C PHE B 180 -12.10 -23.39 -12.90
N ASN B 181 -13.30 -23.32 -12.31
CA ASN B 181 -14.58 -23.80 -12.90
C ASN B 181 -14.57 -25.32 -13.10
N ASP B 182 -13.71 -26.04 -12.36
CA ASP B 182 -13.70 -27.52 -12.33
C ASP B 182 -14.08 -27.95 -10.91
N PRO B 183 -15.38 -28.19 -10.63
CA PRO B 183 -15.82 -28.52 -9.26
C PRO B 183 -15.16 -29.78 -8.70
N GLU B 184 -15.16 -30.87 -9.47
CA GLU B 184 -14.62 -32.18 -9.05
C GLU B 184 -13.10 -32.03 -8.82
N GLY B 185 -12.39 -31.43 -9.76
CA GLY B 185 -10.93 -31.22 -9.69
C GLY B 185 -10.55 -30.30 -8.53
N SER B 186 -11.37 -29.29 -8.25
CA SER B 186 -11.17 -28.35 -7.12
C SER B 186 -11.40 -29.08 -5.79
N LEU B 187 -12.50 -29.84 -5.68
CA LEU B 187 -12.86 -30.54 -4.41
C LEU B 187 -11.81 -31.60 -4.08
N GLU B 188 -11.21 -32.25 -5.09
CA GLU B 188 -10.12 -33.25 -4.88
C GLU B 188 -8.98 -32.60 -4.08
N VAL B 189 -8.54 -31.41 -4.52
CA VAL B 189 -7.43 -30.66 -3.88
C VAL B 189 -7.88 -30.18 -2.49
N LEU B 190 -9.06 -29.56 -2.41
CA LEU B 190 -9.57 -28.93 -1.16
C LEU B 190 -9.77 -30.02 -0.09
N ARG B 191 -10.34 -31.17 -0.45
CA ARG B 191 -10.61 -32.27 0.51
C ARG B 191 -9.27 -32.82 1.04
N ARG B 192 -8.22 -32.85 0.22
CA ARG B 192 -6.87 -33.34 0.61
C ARG B 192 -6.31 -32.46 1.74
N HIS B 193 -6.62 -31.17 1.74
CA HIS B 193 -5.99 -30.17 2.65
C HIS B 193 -7.01 -29.62 3.66
N ALA B 194 -8.20 -30.21 3.76
CA ALA B 194 -9.37 -29.63 4.46
C ALA B 194 -9.01 -29.27 5.91
N ASP B 195 -8.29 -30.15 6.61
CA ASP B 195 -7.97 -29.99 8.06
C ASP B 195 -7.05 -28.77 8.25
N ASP B 196 -6.29 -28.37 7.23
CA ASP B 196 -5.20 -27.39 7.33
C ASP B 196 -5.51 -26.12 6.52
N LEU B 197 -6.71 -25.99 5.94
CA LEU B 197 -7.06 -24.86 5.04
C LEU B 197 -7.69 -23.72 5.84
N ALA B 198 -7.01 -22.59 5.91
CA ALA B 198 -7.52 -21.33 6.51
C ALA B 198 -8.58 -20.72 5.58
N CYS B 199 -8.35 -20.79 4.28
CA CYS B 199 -9.22 -20.06 3.31
C CYS B 199 -9.10 -20.64 1.91
N VAL B 200 -10.16 -20.40 1.15
CA VAL B 200 -10.19 -20.57 -0.32
C VAL B 200 -10.29 -19.15 -0.89
N LEU B 201 -9.24 -18.72 -1.55
CA LEU B 201 -9.12 -17.37 -2.15
C LEU B 201 -9.46 -17.49 -3.63
N ILE B 202 -10.55 -16.88 -4.06
CA ILE B 202 -10.97 -16.86 -5.49
C ILE B 202 -11.04 -15.42 -5.97
N ASP B 203 -11.00 -15.27 -7.28
CA ASP B 203 -11.50 -14.09 -8.01
C ASP B 203 -12.66 -14.62 -8.84
N PRO B 204 -13.90 -14.12 -8.70
CA PRO B 204 -15.02 -14.66 -9.46
C PRO B 204 -14.93 -14.42 -10.98
N VAL B 205 -14.12 -13.45 -11.43
CA VAL B 205 -13.92 -13.17 -12.89
C VAL B 205 -12.46 -12.83 -13.13
N PRO B 206 -11.54 -13.82 -12.99
CA PRO B 206 -10.11 -13.54 -13.08
C PRO B 206 -9.69 -13.25 -14.52
N TRP B 207 -9.10 -12.08 -14.77
CA TRP B 207 -8.82 -11.65 -16.16
C TRP B 207 -7.63 -12.42 -16.73
N ARG B 208 -6.66 -12.80 -15.89
CA ARG B 208 -5.36 -13.37 -16.38
C ARG B 208 -5.60 -14.74 -17.04
N ILE B 209 -6.67 -15.44 -16.70
CA ILE B 209 -7.00 -16.77 -17.30
C ILE B 209 -8.20 -16.65 -18.24
N GLY B 210 -8.57 -15.43 -18.65
CA GLY B 210 -9.45 -15.20 -19.81
C GLY B 210 -10.67 -14.33 -19.54
N LEU B 211 -10.88 -13.86 -18.30
CA LEU B 211 -12.03 -12.98 -17.95
C LEU B 211 -13.34 -13.71 -18.24
N LEU B 212 -13.38 -15.00 -17.90
CA LEU B 212 -14.61 -15.82 -17.87
C LEU B 212 -15.09 -15.88 -16.41
N PRO B 213 -16.42 -15.77 -16.19
CA PRO B 213 -16.96 -15.79 -14.84
C PRO B 213 -16.96 -17.21 -14.25
N ALA B 214 -16.80 -17.28 -12.93
CA ALA B 214 -17.04 -18.50 -12.13
C ALA B 214 -18.46 -19.00 -12.40
N SER B 215 -18.61 -20.30 -12.59
CA SER B 215 -19.92 -20.97 -12.78
C SER B 215 -20.65 -21.09 -11.43
N LYS B 216 -21.98 -21.12 -11.47
CA LYS B 216 -22.84 -21.41 -10.30
C LYS B 216 -22.37 -22.72 -9.63
N GLU B 217 -22.14 -23.78 -10.42
CA GLU B 217 -21.81 -25.12 -9.88
C GLU B 217 -20.47 -25.06 -9.13
N TRP B 218 -19.49 -24.33 -9.66
CA TRP B 218 -18.14 -24.20 -9.04
C TRP B 218 -18.26 -23.37 -7.75
N LEU B 219 -18.94 -22.23 -7.81
CA LEU B 219 -19.13 -21.35 -6.61
C LEU B 219 -19.91 -22.11 -5.54
N ASP B 220 -20.95 -22.86 -5.91
CA ASP B 220 -21.76 -23.69 -4.98
C ASP B 220 -20.86 -24.73 -4.31
N ALA B 221 -20.01 -25.41 -5.08
CA ALA B 221 -19.07 -26.45 -4.58
C ALA B 221 -18.13 -25.83 -3.53
N LEU B 222 -17.56 -24.66 -3.84
CA LEU B 222 -16.61 -23.98 -2.93
C LEU B 222 -17.35 -23.50 -1.67
N ARG B 223 -18.54 -22.93 -1.82
CA ARG B 223 -19.37 -22.43 -0.69
C ARG B 223 -19.69 -23.59 0.25
N GLU B 224 -20.16 -24.72 -0.30
CA GLU B 224 -20.51 -25.94 0.49
C GLU B 224 -19.24 -26.46 1.18
N PHE B 225 -18.10 -26.49 0.49
CA PHE B 225 -16.82 -27.01 1.04
C PHE B 225 -16.37 -26.12 2.22
N CYS B 226 -16.44 -24.80 2.06
CA CYS B 226 -16.04 -23.83 3.12
C CYS B 226 -16.97 -23.99 4.32
N ASP B 227 -18.28 -24.14 4.09
CA ASP B 227 -19.27 -24.34 5.19
C ASP B 227 -18.94 -25.61 5.96
N ALA B 228 -18.59 -26.70 5.26
CA ALA B 228 -18.34 -28.04 5.85
C ALA B 228 -16.98 -28.09 6.55
N SER B 229 -15.96 -27.40 6.01
CA SER B 229 -14.54 -27.51 6.45
C SER B 229 -14.20 -26.41 7.47
N GLY B 230 -14.92 -25.29 7.46
CA GLY B 230 -14.59 -24.11 8.28
C GLY B 230 -13.57 -23.19 7.63
N ALA B 231 -13.07 -23.53 6.44
CA ALA B 231 -12.22 -22.63 5.63
C ALA B 231 -13.03 -21.38 5.28
N VAL B 232 -12.38 -20.22 5.31
CA VAL B 232 -13.01 -18.91 5.00
C VAL B 232 -13.04 -18.74 3.48
N LEU B 233 -14.22 -18.43 2.92
CA LEU B 233 -14.33 -18.14 1.47
C LEU B 233 -14.02 -16.67 1.24
N ILE B 234 -12.89 -16.39 0.61
CA ILE B 234 -12.44 -14.99 0.31
C ILE B 234 -12.60 -14.75 -1.18
N SER B 235 -13.43 -13.75 -1.54
CA SER B 235 -13.59 -13.29 -2.93
C SER B 235 -12.74 -12.04 -3.14
N ASP B 236 -11.67 -12.17 -3.93
CA ASP B 236 -10.81 -11.04 -4.32
C ASP B 236 -11.46 -10.36 -5.52
N GLU B 237 -12.13 -9.23 -5.27
CA GLU B 237 -12.88 -8.46 -6.29
C GLU B 237 -12.17 -7.13 -6.53
N VAL B 238 -10.88 -7.05 -6.27
CA VAL B 238 -10.13 -5.78 -6.51
C VAL B 238 -10.35 -5.38 -7.98
N GLY B 239 -10.32 -6.34 -8.91
CA GLY B 239 -10.59 -6.08 -10.34
C GLY B 239 -12.03 -6.35 -10.74
N SER B 240 -12.64 -7.41 -10.22
CA SER B 240 -13.92 -7.95 -10.76
C SER B 240 -15.13 -7.32 -10.06
N TYR B 241 -14.96 -6.58 -8.96
CA TYR B 241 -16.11 -6.00 -8.21
C TYR B 241 -17.07 -5.32 -9.19
N ARG B 242 -16.53 -4.56 -10.14
CA ARG B 242 -17.31 -3.61 -10.98
C ARG B 242 -18.29 -4.35 -11.90
N VAL B 243 -18.20 -5.67 -12.06
CA VAL B 243 -19.14 -6.39 -12.99
C VAL B 243 -20.56 -6.34 -12.44
N GLY B 244 -20.73 -6.20 -11.12
CA GLY B 244 -22.05 -6.20 -10.48
C GLY B 244 -22.25 -4.97 -9.61
N TYR B 245 -23.48 -4.48 -9.50
CA TYR B 245 -23.78 -3.32 -8.65
C TYR B 245 -23.53 -3.67 -7.17
N HIS B 246 -23.63 -4.94 -6.80
CA HIS B 246 -23.34 -5.46 -5.44
C HIS B 246 -22.08 -6.32 -5.45
N GLY B 247 -21.23 -6.15 -6.46
CA GLY B 247 -19.99 -6.93 -6.60
C GLY B 247 -20.19 -8.20 -7.41
N ALA B 248 -19.10 -8.95 -7.59
CA ALA B 248 -19.03 -10.09 -8.52
C ALA B 248 -19.75 -11.32 -7.95
N MET B 249 -19.50 -11.69 -6.70
CA MET B 249 -20.14 -12.90 -6.10
C MET B 249 -21.66 -12.76 -6.18
N GLN B 250 -22.20 -11.60 -5.80
CA GLN B 250 -23.67 -11.39 -5.78
C GLN B 250 -24.23 -11.53 -7.21
N LEU B 251 -23.56 -10.95 -8.20
CA LEU B 251 -24.01 -11.05 -9.62
C LEU B 251 -24.13 -12.52 -10.01
N LEU B 252 -23.18 -13.35 -9.58
CA LEU B 252 -23.07 -14.78 -10.01
C LEU B 252 -23.85 -15.69 -9.05
N GLY B 253 -24.54 -15.12 -8.06
CA GLY B 253 -25.50 -15.85 -7.20
C GLY B 253 -24.84 -16.47 -5.97
N ALA B 254 -23.70 -15.93 -5.52
CA ALA B 254 -22.95 -16.50 -4.38
C ALA B 254 -22.68 -15.44 -3.31
N GLU B 255 -22.24 -15.90 -2.14
CA GLU B 255 -21.90 -15.08 -0.95
C GLU B 255 -20.48 -15.43 -0.48
N ALA B 256 -19.60 -14.44 -0.33
CA ALA B 256 -18.27 -14.60 0.28
C ALA B 256 -18.39 -14.41 1.79
N ASP B 257 -17.42 -14.94 2.53
CA ASP B 257 -17.22 -14.66 3.97
C ASP B 257 -16.49 -13.32 4.12
N ILE B 258 -15.47 -13.12 3.28
CA ILE B 258 -14.68 -11.86 3.19
C ILE B 258 -14.55 -11.51 1.71
N THR B 259 -14.72 -10.23 1.37
CA THR B 259 -14.47 -9.70 0.01
C THR B 259 -13.32 -8.71 0.08
N VAL B 260 -12.37 -8.85 -0.83
CA VAL B 260 -11.27 -7.88 -1.02
C VAL B 260 -11.69 -6.95 -2.15
N MET B 261 -11.54 -5.65 -1.92
CA MET B 261 -11.90 -4.63 -2.94
C MET B 261 -10.79 -3.61 -3.05
N GLY B 262 -10.83 -2.88 -4.15
CA GLY B 262 -9.89 -1.80 -4.46
C GLY B 262 -10.31 -1.11 -5.73
N LYS B 263 -9.34 -0.56 -6.45
CA LYS B 263 -9.52 0.03 -7.79
C LYS B 263 -10.78 0.92 -7.80
N VAL B 264 -11.90 0.46 -8.37
CA VAL B 264 -13.06 1.35 -8.67
C VAL B 264 -13.68 1.90 -7.38
N ILE B 265 -13.49 1.28 -6.22
CA ILE B 265 -14.17 1.76 -4.99
C ILE B 265 -13.67 3.17 -4.64
N ALA B 266 -12.48 3.60 -5.08
CA ALA B 266 -12.04 5.00 -4.96
C ALA B 266 -11.74 5.63 -6.33
N ALA B 267 -11.68 4.82 -7.40
CA ALA B 267 -11.60 5.30 -8.79
C ALA B 267 -10.42 6.26 -9.00
N GLY B 268 -9.28 5.98 -8.38
CA GLY B 268 -8.00 6.62 -8.77
C GLY B 268 -7.04 6.87 -7.63
N MET B 269 -7.52 7.03 -6.40
CA MET B 269 -6.64 7.30 -5.23
C MET B 269 -6.31 5.98 -4.53
N PRO B 270 -5.13 5.90 -3.86
CA PRO B 270 -4.68 4.63 -3.30
C PRO B 270 -5.66 4.09 -2.25
N ILE B 271 -6.11 2.85 -2.45
N ILE B 271 -6.12 2.86 -2.46
CA ILE B 271 -7.16 2.21 -1.61
CA ILE B 271 -7.08 2.21 -1.53
C ILE B 271 -7.09 0.69 -1.75
C ILE B 271 -7.07 0.70 -1.73
N GLY B 272 -7.47 0.01 -0.67
CA GLY B 272 -7.95 -1.37 -0.68
C GLY B 272 -8.94 -1.49 0.46
N ALA B 273 -9.74 -2.53 0.46
CA ALA B 273 -10.70 -2.78 1.55
C ALA B 273 -10.84 -4.28 1.76
N VAL B 274 -10.98 -4.65 3.02
CA VAL B 274 -11.38 -6.00 3.47
C VAL B 274 -12.77 -5.85 4.07
N ALA B 275 -13.78 -6.50 3.49
CA ALA B 275 -15.19 -6.33 3.91
C ALA B 275 -15.80 -7.71 4.10
N GLY B 276 -16.31 -8.00 5.29
CA GLY B 276 -16.82 -9.37 5.55
C GLY B 276 -17.78 -9.44 6.70
N ARG B 277 -18.27 -10.65 6.94
CA ARG B 277 -19.19 -10.94 8.08
C ARG B 277 -18.43 -10.59 9.37
N ARG B 278 -19.16 -10.09 10.36
CA ARG B 278 -18.59 -9.61 11.64
C ARG B 278 -17.64 -10.66 12.24
N ARG B 279 -18.03 -11.94 12.24
CA ARG B 279 -17.25 -12.98 12.96
C ARG B 279 -15.85 -13.12 12.36
N PHE B 280 -15.70 -13.06 11.05
CA PHE B 280 -14.37 -13.18 10.37
C PHE B 280 -13.55 -11.92 10.63
N MET B 281 -14.21 -10.77 10.65
CA MET B 281 -13.53 -9.45 10.81
C MET B 281 -13.20 -9.21 12.28
N SER B 282 -13.74 -10.02 13.21
CA SER B 282 -13.56 -9.82 14.67
C SER B 282 -12.08 -9.98 15.06
N VAL B 283 -11.26 -10.69 14.27
CA VAL B 283 -9.81 -10.85 14.57
C VAL B 283 -9.13 -9.47 14.63
N PHE B 284 -9.68 -8.46 13.94
CA PHE B 284 -9.10 -7.10 13.86
C PHE B 284 -9.57 -6.21 15.02
N ASP B 285 -10.63 -6.61 15.72
CA ASP B 285 -11.32 -5.74 16.72
C ASP B 285 -10.36 -5.48 17.88
N PRO B 286 -9.92 -4.22 18.11
CA PRO B 286 -9.03 -3.89 19.23
C PRO B 286 -9.73 -3.34 20.48
N SER B 287 -11.07 -3.40 20.54
CA SER B 287 -11.90 -2.68 21.55
C SER B 287 -12.12 -3.54 22.80
N LYS B 288 -11.81 -4.84 22.75
CA LYS B 288 -12.01 -5.82 23.85
C LYS B 288 -10.65 -6.46 24.20
N GLY B 289 -9.62 -5.62 24.38
CA GLY B 289 -8.23 -6.05 24.60
C GLY B 289 -7.45 -6.11 23.29
N LYS B 290 -6.21 -6.60 23.34
CA LYS B 290 -5.32 -6.70 22.16
C LYS B 290 -6.04 -7.50 21.08
N PRO B 291 -6.03 -7.03 19.81
CA PRO B 291 -6.65 -7.78 18.73
C PRO B 291 -5.83 -9.03 18.40
N ALA B 292 -6.49 -10.08 17.90
CA ALA B 292 -5.81 -11.29 17.37
C ALA B 292 -4.90 -10.88 16.21
N LEU B 293 -5.34 -9.91 15.40
CA LEU B 293 -4.60 -9.47 14.20
C LEU B 293 -4.45 -7.96 14.22
N PRO B 294 -3.30 -7.44 14.69
CA PRO B 294 -2.98 -6.03 14.55
C PRO B 294 -2.93 -5.71 13.06
N HIS B 295 -3.46 -4.55 12.69
CA HIS B 295 -3.46 -4.08 11.29
C HIS B 295 -3.41 -2.56 11.29
N SER B 296 -2.21 -2.01 11.10
CA SER B 296 -2.03 -0.54 11.00
C SER B 296 -1.60 -0.20 9.57
N GLY B 297 -1.01 0.97 9.38
CA GLY B 297 -0.64 1.51 8.06
C GLY B 297 -0.88 3.00 8.03
N SER B 298 0.16 3.75 7.67
CA SER B 298 0.21 5.23 7.81
C SER B 298 -0.95 5.89 7.05
N TYR B 299 -1.42 5.30 5.94
CA TYR B 299 -2.43 5.93 5.06
C TYR B 299 -3.76 5.18 5.14
N ASN B 300 -3.90 4.19 6.03
CA ASN B 300 -5.20 3.49 6.19
C ASN B 300 -6.27 4.54 6.47
N ALA B 301 -7.35 4.53 5.70
CA ALA B 301 -8.54 5.38 5.93
C ALA B 301 -8.17 6.87 5.85
N ASN B 302 -7.10 7.22 5.14
CA ASN B 302 -6.71 8.65 5.02
C ASN B 302 -7.87 9.39 4.37
N PRO B 303 -8.17 10.63 4.81
CA PRO B 303 -9.36 11.34 4.35
C PRO B 303 -9.38 11.66 2.85
N VAL B 304 -8.22 11.69 2.20
CA VAL B 304 -8.15 11.97 0.74
C VAL B 304 -8.71 10.74 0.00
N SER B 305 -8.21 9.55 0.33
CA SER B 305 -8.72 8.29 -0.27
C SER B 305 -10.18 8.06 0.13
N MET B 306 -10.58 8.39 1.37
CA MET B 306 -11.98 8.22 1.82
C MET B 306 -12.88 9.16 0.99
N SER B 307 -12.45 10.40 0.76
CA SER B 307 -13.23 11.40 -0.01
C SER B 307 -13.35 10.94 -1.47
N SER B 308 -12.26 10.41 -2.03
CA SER B 308 -12.25 9.82 -3.39
C SER B 308 -13.28 8.68 -3.44
N GLY B 309 -13.30 7.83 -2.41
CA GLY B 309 -14.23 6.70 -2.27
C GLY B 309 -15.68 7.15 -2.22
N ILE B 310 -15.99 8.11 -1.35
CA ILE B 310 -17.39 8.62 -1.21
C ILE B 310 -17.86 9.13 -2.58
N ALA B 311 -17.03 9.91 -3.27
CA ALA B 311 -17.37 10.51 -4.58
C ALA B 311 -17.54 9.38 -5.61
N SER B 312 -16.64 8.40 -5.62
CA SER B 312 -16.71 7.30 -6.60
C SER B 312 -18.02 6.52 -6.43
N LEU B 313 -18.35 6.11 -5.20
CA LEU B 313 -19.58 5.31 -4.97
C LEU B 313 -20.81 6.16 -5.29
N ARG B 314 -20.80 7.46 -4.95
N ARG B 314 -20.78 7.45 -4.94
CA ARG B 314 -21.95 8.36 -5.25
CA ARG B 314 -21.91 8.39 -5.23
C ARG B 314 -22.17 8.42 -6.76
C ARG B 314 -22.16 8.42 -6.74
N LEU B 315 -21.09 8.53 -7.54
CA LEU B 315 -21.17 8.62 -9.03
C LEU B 315 -21.54 7.26 -9.62
N LEU B 316 -21.22 6.17 -8.93
CA LEU B 316 -21.51 4.80 -9.42
C LEU B 316 -22.96 4.46 -9.03
N THR B 317 -23.90 5.08 -9.73
CA THR B 317 -25.36 4.89 -9.55
C THR B 317 -25.77 3.63 -10.29
N PRO B 318 -26.95 3.06 -9.98
CA PRO B 318 -27.48 1.95 -10.77
C PRO B 318 -27.56 2.31 -12.27
N GLN B 319 -27.90 3.56 -12.57
N GLN B 319 -27.92 3.55 -12.60
CA GLN B 319 -28.07 4.07 -13.96
CA GLN B 319 -28.09 4.00 -14.01
C GLN B 319 -26.71 4.09 -14.66
C GLN B 319 -26.70 4.11 -14.69
N ALA B 320 -25.66 4.59 -13.99
CA ALA B 320 -24.28 4.64 -14.53
C ALA B 320 -23.79 3.20 -14.78
N HIS B 321 -24.03 2.30 -13.83
CA HIS B 321 -23.66 0.87 -13.91
C HIS B 321 -24.31 0.27 -15.17
N GLU B 322 -25.61 0.48 -15.33
CA GLU B 322 -26.37 -0.08 -16.47
C GLU B 322 -25.78 0.44 -17.77
N ARG B 323 -25.50 1.74 -17.86
N ARG B 323 -25.50 1.75 -17.84
CA ARG B 323 -25.08 2.39 -19.13
CA ARG B 323 -25.05 2.47 -19.06
C ARG B 323 -23.69 1.87 -19.53
C ARG B 323 -23.69 1.93 -19.52
N ILE B 324 -22.73 1.80 -18.60
CA ILE B 324 -21.36 1.30 -18.96
C ILE B 324 -21.46 -0.18 -19.33
N GLY B 325 -22.42 -0.92 -18.78
CA GLY B 325 -22.70 -2.32 -19.14
C GLY B 325 -23.17 -2.42 -20.59
N GLN B 326 -24.07 -1.53 -21.00
N GLN B 326 -24.07 -1.52 -21.01
CA GLN B 326 -24.61 -1.44 -22.38
CA GLN B 326 -24.61 -1.51 -22.40
C GLN B 326 -23.44 -1.17 -23.34
C GLN B 326 -23.47 -1.14 -23.36
N LEU B 327 -22.60 -0.19 -23.00
CA LEU B 327 -21.44 0.21 -23.84
C LEU B 327 -20.45 -0.96 -23.93
N GLY B 328 -20.23 -1.67 -22.83
CA GLY B 328 -19.36 -2.86 -22.81
C GLY B 328 -19.88 -3.95 -23.75
N GLU B 329 -21.18 -4.21 -23.71
CA GLU B 329 -21.84 -5.20 -24.61
C GLU B 329 -21.63 -4.77 -26.07
N GLN B 330 -21.83 -3.48 -26.37
CA GLN B 330 -21.67 -2.92 -27.74
C GLN B 330 -20.21 -3.09 -28.19
N ALA B 331 -19.26 -2.73 -27.33
CA ALA B 331 -17.80 -2.83 -27.63
C ALA B 331 -17.44 -4.30 -27.92
N ARG B 332 -17.87 -5.23 -27.07
CA ARG B 332 -17.53 -6.67 -27.22
C ARG B 332 -18.12 -7.18 -28.54
N GLY B 333 -19.39 -6.85 -28.83
CA GLY B 333 -20.06 -7.22 -30.08
C GLY B 333 -19.28 -6.73 -31.30
N SER B 334 -18.90 -5.45 -31.30
CA SER B 334 -18.16 -4.79 -32.42
C SER B 334 -16.79 -5.47 -32.62
N MET B 335 -16.11 -5.80 -31.53
CA MET B 335 -14.79 -6.46 -31.62
C MET B 335 -14.95 -7.87 -32.22
N ARG B 336 -15.96 -8.63 -31.79
CA ARG B 336 -16.23 -9.99 -32.32
C ARG B 336 -16.49 -9.89 -33.83
N THR B 337 -17.30 -8.90 -34.25
CA THR B 337 -17.62 -8.68 -35.69
C THR B 337 -16.32 -8.42 -36.46
N ALA B 338 -15.47 -7.53 -35.94
CA ALA B 338 -14.21 -7.12 -36.59
C ALA B 338 -13.25 -8.32 -36.70
N LEU B 339 -13.13 -9.11 -35.63
CA LEU B 339 -12.24 -10.30 -35.62
C LEU B 339 -12.73 -11.33 -36.65
N GLY B 340 -14.06 -11.54 -36.70
CA GLY B 340 -14.70 -12.46 -37.67
C GLY B 340 -14.44 -12.01 -39.10
N GLU B 341 -14.62 -10.72 -39.38
CA GLU B 341 -14.45 -10.14 -40.74
C GLU B 341 -12.98 -10.22 -41.15
N ALA B 342 -12.06 -10.14 -40.19
CA ALA B 342 -10.59 -10.22 -40.42
C ALA B 342 -10.13 -11.68 -40.60
N GLY B 343 -11.00 -12.65 -40.30
CA GLY B 343 -10.72 -14.09 -40.44
C GLY B 343 -9.89 -14.64 -39.29
N LEU B 344 -9.97 -14.04 -38.10
CA LEU B 344 -9.23 -14.53 -36.91
C LEU B 344 -10.18 -15.35 -36.04
N ASP B 345 -9.65 -16.36 -35.34
CA ASP B 345 -10.41 -17.26 -34.43
C ASP B 345 -10.37 -16.70 -32.99
N TRP B 346 -9.95 -15.46 -32.83
CA TRP B 346 -9.78 -14.81 -31.50
C TRP B 346 -11.14 -14.61 -30.86
N GLU B 347 -11.19 -14.65 -29.53
CA GLU B 347 -12.45 -14.49 -28.75
C GLU B 347 -12.42 -13.14 -28.03
N VAL B 348 -13.61 -12.69 -27.63
CA VAL B 348 -13.78 -11.50 -26.75
C VAL B 348 -14.62 -11.95 -25.56
N ASN B 349 -14.06 -11.86 -24.37
CA ASN B 349 -14.76 -12.23 -23.12
C ASN B 349 -15.04 -10.97 -22.32
N GLY B 350 -15.87 -11.10 -21.30
CA GLY B 350 -16.14 -10.00 -20.36
C GLY B 350 -17.60 -9.93 -19.95
N LEU B 351 -17.83 -9.27 -18.83
CA LEU B 351 -19.16 -8.97 -18.24
C LEU B 351 -19.22 -7.45 -18.07
N GLY B 352 -20.40 -6.87 -18.20
CA GLY B 352 -20.62 -5.45 -17.89
C GLY B 352 -19.63 -4.58 -18.65
N SER B 353 -18.87 -3.76 -17.94
CA SER B 353 -17.97 -2.74 -18.53
C SER B 353 -16.55 -3.28 -18.75
N LEU B 354 -16.31 -4.57 -18.51
CA LEU B 354 -14.97 -5.19 -18.70
C LEU B 354 -14.96 -6.00 -20.00
N PHE B 355 -13.82 -6.00 -20.69
CA PHE B 355 -13.62 -6.92 -21.84
C PHE B 355 -12.18 -7.40 -21.86
N ARG B 356 -11.99 -8.53 -22.53
CA ARG B 356 -10.62 -8.97 -22.89
C ARG B 356 -10.66 -9.62 -24.27
N VAL B 357 -9.82 -9.13 -25.17
CA VAL B 357 -9.49 -9.80 -26.45
C VAL B 357 -8.57 -10.98 -26.09
N VAL B 358 -9.00 -12.20 -26.37
CA VAL B 358 -8.22 -13.44 -26.09
C VAL B 358 -7.72 -13.97 -27.44
N ALA B 359 -6.46 -13.69 -27.75
CA ALA B 359 -5.78 -14.12 -28.99
C ALA B 359 -5.59 -15.63 -28.94
N ASN B 360 -6.04 -16.33 -29.99
CA ASN B 360 -5.98 -17.81 -30.07
C ASN B 360 -4.89 -18.20 -31.07
N SER B 361 -5.19 -18.23 -32.37
CA SER B 361 -4.23 -18.64 -33.41
C SER B 361 -3.39 -17.44 -33.86
N ALA B 362 -2.06 -17.56 -33.82
CA ALA B 362 -1.12 -16.54 -34.32
C ALA B 362 -1.30 -16.40 -35.83
N PRO B 363 -1.57 -15.18 -36.35
CA PRO B 363 -1.61 -14.98 -37.80
C PRO B 363 -0.19 -14.99 -38.39
N ALA B 364 -0.10 -15.08 -39.72
CA ALA B 364 1.18 -15.11 -40.47
C ALA B 364 2.09 -13.97 -39.98
N GLY B 365 3.35 -14.29 -39.68
CA GLY B 365 4.41 -13.32 -39.37
C GLY B 365 4.55 -13.02 -37.90
N TYR B 366 3.77 -13.68 -37.03
CA TYR B 366 3.86 -13.54 -35.56
C TYR B 366 4.20 -14.90 -34.95
N ASP B 367 5.18 -14.92 -34.03
CA ASP B 367 5.73 -16.14 -33.40
C ASP B 367 4.73 -16.74 -32.41
N SER B 368 3.78 -15.92 -31.92
CA SER B 368 2.78 -16.34 -30.91
C SER B 368 1.53 -15.47 -31.01
N ALA B 369 0.41 -15.96 -30.47
CA ALA B 369 -0.84 -15.20 -30.29
C ALA B 369 -0.55 -13.95 -29.45
N ALA B 370 0.25 -14.10 -28.38
CA ALA B 370 0.61 -12.99 -27.46
C ALA B 370 1.35 -11.89 -28.23
N ALA B 371 2.26 -12.26 -29.14
CA ALA B 371 3.02 -11.29 -29.97
C ALA B 371 2.07 -10.54 -30.90
N ALA B 372 1.09 -11.23 -31.49
CA ALA B 372 0.07 -10.62 -32.37
C ALA B 372 -0.78 -9.63 -31.57
N MET B 373 -1.14 -9.99 -30.35
CA MET B 373 -1.96 -9.11 -29.47
C MET B 373 -1.13 -7.86 -29.09
N LYS B 374 0.16 -8.02 -28.78
CA LYS B 374 1.05 -6.86 -28.47
C LYS B 374 1.12 -5.93 -29.68
N ALA B 375 1.21 -6.48 -30.89
CA ALA B 375 1.23 -5.69 -32.14
C ALA B 375 -0.08 -4.91 -32.27
N LEU B 376 -1.21 -5.54 -31.93
CA LEU B 376 -2.54 -4.89 -31.99
C LEU B 376 -2.60 -3.74 -30.97
N TYR B 377 -2.04 -3.96 -29.77
CA TYR B 377 -1.92 -2.91 -28.72
C TYR B 377 -1.17 -1.70 -29.30
N TRP B 378 -0.03 -1.92 -29.96
CA TRP B 378 0.80 -0.82 -30.52
C TRP B 378 0.06 -0.14 -31.68
N LYS B 379 -0.64 -0.88 -32.53
CA LYS B 379 -1.40 -0.31 -33.67
C LYS B 379 -2.56 0.52 -33.13
N LEU B 380 -3.24 0.05 -32.08
CA LEU B 380 -4.35 0.82 -31.47
C LEU B 380 -3.81 2.16 -30.93
N LEU B 381 -2.62 2.15 -30.30
N LEU B 381 -2.63 2.16 -30.28
CA LEU B 381 -1.94 3.38 -29.82
CA LEU B 381 -1.96 3.41 -29.82
C LEU B 381 -1.76 4.35 -31.00
C LEU B 381 -1.80 4.36 -31.02
N GLU B 382 -1.23 3.85 -32.11
CA GLU B 382 -1.04 4.65 -33.36
C GLU B 382 -2.38 5.23 -33.82
N ASN B 383 -3.47 4.50 -33.64
CA ASN B 383 -4.83 4.87 -34.12
C ASN B 383 -5.68 5.48 -33.00
N GLY B 384 -5.05 5.98 -31.93
CA GLY B 384 -5.68 6.89 -30.96
C GLY B 384 -6.38 6.18 -29.81
N ILE B 385 -5.98 4.96 -29.44
CA ILE B 385 -6.68 4.12 -28.43
C ILE B 385 -5.66 3.48 -27.47
N HIS B 386 -5.91 3.53 -26.17
CA HIS B 386 -5.17 2.73 -25.15
C HIS B 386 -6.00 1.51 -24.75
N ILE B 387 -5.47 0.30 -24.96
CA ILE B 387 -5.96 -0.93 -24.28
C ILE B 387 -4.76 -1.61 -23.62
N GLY B 388 -5.00 -2.77 -23.00
CA GLY B 388 -3.94 -3.62 -22.42
C GLY B 388 -3.20 -4.38 -23.50
N ASP B 389 -1.91 -4.66 -23.28
CA ASP B 389 -1.04 -5.30 -24.29
C ASP B 389 -1.36 -6.80 -24.41
N SER B 390 -2.23 -7.34 -23.56
CA SER B 390 -2.74 -8.73 -23.67
C SER B 390 -4.27 -8.74 -23.81
N GLY B 391 -4.86 -7.61 -24.21
CA GLY B 391 -6.25 -7.54 -24.68
C GLY B 391 -7.25 -7.02 -23.65
N LEU B 392 -6.82 -6.68 -22.42
CA LEU B 392 -7.77 -6.19 -21.39
C LEU B 392 -8.23 -4.77 -21.74
N GLY B 393 -9.51 -4.49 -21.49
CA GLY B 393 -10.03 -3.13 -21.61
C GLY B 393 -11.27 -2.94 -20.78
N CYS B 394 -11.75 -1.70 -20.71
CA CYS B 394 -12.96 -1.39 -19.94
C CYS B 394 -13.55 -0.05 -20.38
N ILE B 395 -14.82 0.11 -20.03
CA ILE B 395 -15.63 1.34 -20.27
C ILE B 395 -15.49 2.23 -19.04
N SER B 396 -15.45 3.55 -19.25
CA SER B 396 -15.51 4.55 -18.15
C SER B 396 -16.81 5.35 -18.27
N THR B 397 -17.31 5.89 -17.17
CA THR B 397 -18.62 6.59 -17.13
C THR B 397 -18.63 7.83 -18.03
N PRO B 398 -17.51 8.55 -18.30
CA PRO B 398 -17.55 9.66 -19.26
C PRO B 398 -17.83 9.24 -20.71
N MET B 399 -17.65 7.95 -21.04
CA MET B 399 -17.80 7.48 -22.43
C MET B 399 -19.28 7.50 -22.84
N GLY B 400 -19.51 7.75 -24.12
CA GLY B 400 -20.81 7.58 -24.77
C GLY B 400 -20.68 6.76 -26.03
N GLU B 401 -21.75 6.71 -26.80
CA GLU B 401 -21.83 5.97 -28.09
C GLU B 401 -20.66 6.37 -28.99
N GLU B 402 -20.27 7.65 -28.97
CA GLU B 402 -19.25 8.21 -29.90
C GLU B 402 -17.88 7.57 -29.64
N GLU B 403 -17.51 7.40 -28.37
CA GLU B 403 -16.20 6.81 -28.01
C GLU B 403 -16.17 5.34 -28.46
N ILE B 404 -17.27 4.60 -28.25
CA ILE B 404 -17.35 3.16 -28.60
C ILE B 404 -17.35 3.04 -30.13
N ALA B 405 -18.01 3.95 -30.85
CA ALA B 405 -18.00 3.96 -32.33
C ALA B 405 -16.57 4.22 -32.84
N GLU B 406 -15.86 5.19 -32.23
CA GLU B 406 -14.48 5.53 -32.65
C GLU B 406 -13.57 4.32 -32.37
N TYR B 407 -13.77 3.66 -31.24
CA TYR B 407 -13.02 2.45 -30.86
C TYR B 407 -13.20 1.39 -31.96
N ALA B 408 -14.45 1.15 -32.37
CA ALA B 408 -14.79 0.12 -33.38
C ALA B 408 -14.03 0.40 -34.68
N VAL B 409 -13.98 1.66 -35.11
CA VAL B 409 -13.27 2.07 -36.35
C VAL B 409 -11.77 1.78 -36.16
N ALA B 410 -11.18 2.24 -35.06
CA ALA B 410 -9.73 2.08 -34.77
C ALA B 410 -9.38 0.60 -34.65
N PHE B 411 -10.25 -0.21 -34.06
CA PHE B 411 -10.02 -1.65 -33.84
C PHE B 411 -9.93 -2.37 -35.20
N ALA B 412 -10.90 -2.17 -36.08
CA ALA B 412 -10.94 -2.79 -37.42
C ALA B 412 -9.69 -2.36 -38.21
N LYS B 413 -9.36 -1.06 -38.17
CA LYS B 413 -8.20 -0.50 -38.92
C LYS B 413 -6.91 -1.15 -38.39
N SER B 414 -6.77 -1.21 -37.07
CA SER B 414 -5.57 -1.76 -36.37
C SER B 414 -5.39 -3.24 -36.71
N LEU B 415 -6.48 -4.03 -36.68
CA LEU B 415 -6.43 -5.48 -37.06
C LEU B 415 -5.83 -5.58 -38.46
N GLY B 416 -6.38 -4.80 -39.41
CA GLY B 416 -5.91 -4.80 -40.81
C GLY B 416 -4.41 -4.55 -40.90
N GLN B 417 -3.92 -3.56 -40.16
CA GLN B 417 -2.49 -3.14 -40.21
C GLN B 417 -1.61 -4.22 -39.59
N VAL B 418 -2.03 -4.79 -38.45
CA VAL B 418 -1.32 -5.92 -37.79
C VAL B 418 -1.17 -7.06 -38.80
N LEU B 419 -2.26 -7.44 -39.46
CA LEU B 419 -2.27 -8.62 -40.37
C LEU B 419 -1.38 -8.32 -41.59
N ALA B 420 -1.49 -7.11 -42.16
CA ALA B 420 -0.72 -6.69 -43.36
C ALA B 420 0.78 -6.71 -43.04
N GLU B 421 1.18 -6.20 -41.88
CA GLU B 421 2.62 -6.10 -41.48
C GLU B 421 3.20 -7.50 -41.26
N GLY B 422 2.39 -8.44 -40.74
CA GLY B 422 2.78 -9.85 -40.56
C GLY B 422 3.08 -10.54 -41.89
N ARG B 423 2.37 -10.16 -42.95
CA ARG B 423 2.50 -10.77 -44.30
C ARG B 423 3.54 -10.02 -45.15
N ALA B 424 3.98 -8.84 -44.72
CA ALA B 424 4.95 -7.96 -45.43
C ALA B 424 6.23 -8.73 -45.73
#